data_1Y5Y
#
_entry.id   1Y5Y
#
_cell.length_a   120.659
_cell.length_b   120.659
_cell.length_c   205.947
_cell.angle_alpha   90.00
_cell.angle_beta   90.00
_cell.angle_gamma   90.00
#
_symmetry.space_group_name_H-M   'P 43 21 2'
#
loop_
_entity.id
_entity.type
_entity.pdbx_description
1 polymer 'Formaldehyde-activating enzyme fae'
2 non-polymer 'CALCIUM ION'
3 non-polymer 'SODIUM ION'
4 water water
#
_entity_poly.entity_id   1
_entity_poly.type   'polypeptide(L)'
_entity_poly.pdbx_seq_one_letter_code
;AKITKVQVGEALVGDGNEVAHIDLIIGPRGSPAETAFCNGLVNNKHGFTSLLAVIAPNLPCKPNTLMFNKVTINDARQAV
QMFGPAQHGVAMAVQDAVAEGIIPADEADDLYVLVGVFIHWEAADDAKIQKYNYEATKLSIQRAVNGEPKASVVTEQRKS
ATHPFAANA
;
_entity_poly.pdbx_strand_id   A,B,C,D,E
#
# COMPACT_ATOMS: atom_id res chain seq x y z
N ALA A 1 -21.74 21.99 -2.59
CA ALA A 1 -21.73 22.01 -4.08
C ALA A 1 -20.31 22.21 -4.67
N LYS A 2 -20.10 21.67 -5.87
CA LYS A 2 -18.83 21.74 -6.62
C LYS A 2 -17.59 21.18 -5.91
N ILE A 3 -17.15 20.01 -6.37
CA ILE A 3 -16.00 19.35 -5.78
C ILE A 3 -14.98 19.10 -6.88
N THR A 4 -13.96 19.94 -6.93
CA THR A 4 -12.95 19.82 -7.98
C THR A 4 -11.62 19.28 -7.51
N LYS A 5 -11.49 18.96 -6.22
CA LYS A 5 -10.26 18.43 -5.69
C LYS A 5 -10.53 17.68 -4.39
N VAL A 6 -9.50 17.07 -3.83
CA VAL A 6 -9.66 16.33 -2.60
C VAL A 6 -10.04 17.20 -1.39
N GLN A 7 -11.05 16.77 -0.61
CA GLN A 7 -11.48 17.51 0.57
C GLN A 7 -11.62 16.56 1.75
N VAL A 8 -11.24 17.03 2.92
CA VAL A 8 -11.28 16.21 4.12
C VAL A 8 -12.31 16.72 5.12
N GLY A 9 -13.03 15.79 5.75
CA GLY A 9 -14.02 16.16 6.74
C GLY A 9 -13.96 15.20 7.89
N GLU A 10 -14.44 15.65 9.04
CA GLU A 10 -14.41 14.81 10.23
C GLU A 10 -15.55 15.22 11.19
N ALA A 11 -16.04 14.28 12.01
CA ALA A 11 -17.10 14.59 12.97
C ALA A 11 -17.22 13.55 14.06
N LEU A 12 -17.71 13.98 15.21
CA LEU A 12 -17.92 13.09 16.35
C LEU A 12 -19.37 13.43 16.75
N VAL A 13 -20.24 12.43 16.75
CA VAL A 13 -21.65 12.63 17.06
C VAL A 13 -22.20 11.46 17.88
N GLY A 14 -23.01 11.80 18.90
CA GLY A 14 -23.65 10.79 19.72
C GLY A 14 -23.12 10.79 21.14
N ASP A 15 -23.41 9.72 21.86
CA ASP A 15 -22.96 9.58 23.24
C ASP A 15 -22.96 8.12 23.57
N GLY A 16 -22.43 7.80 24.74
CA GLY A 16 -22.38 6.42 25.16
C GLY A 16 -21.48 5.59 24.26
N ASN A 17 -21.67 4.29 24.34
CA ASN A 17 -20.90 3.32 23.59
C ASN A 17 -21.12 3.38 22.07
N GLU A 18 -22.24 3.96 21.64
CA GLU A 18 -22.57 4.03 20.23
C GLU A 18 -22.10 5.32 19.60
N VAL A 19 -21.45 6.18 20.37
CA VAL A 19 -20.99 7.46 19.79
C VAL A 19 -20.22 7.15 18.50
N ALA A 20 -20.37 8.03 17.51
CA ALA A 20 -19.77 7.83 16.21
C ALA A 20 -18.76 8.87 15.78
N HIS A 21 -17.58 8.38 15.44
CA HIS A 21 -16.51 9.23 14.96
C HIS A 21 -16.33 8.84 13.48
N ILE A 22 -16.20 9.84 12.63
CA ILE A 22 -16.06 9.63 11.19
C ILE A 22 -14.96 10.50 10.60
N ASP A 23 -14.01 9.88 9.87
CA ASP A 23 -12.99 10.63 9.10
C ASP A 23 -13.44 10.41 7.65
N LEU A 24 -13.41 11.45 6.83
CA LEU A 24 -13.90 11.32 5.47
C LEU A 24 -13.10 12.06 4.44
N ILE A 25 -12.97 11.48 3.26
CA ILE A 25 -12.28 12.12 2.14
C ILE A 25 -13.21 11.96 0.94
N ILE A 26 -13.28 12.99 0.09
CA ILE A 26 -14.11 12.94 -1.09
C ILE A 26 -13.32 13.64 -2.17
N GLY A 27 -13.38 13.12 -3.39
CA GLY A 27 -12.62 13.77 -4.43
C GLY A 27 -13.04 13.26 -5.77
N PRO A 28 -12.63 13.96 -6.83
CA PRO A 28 -12.98 13.56 -8.20
C PRO A 28 -12.09 12.53 -8.87
N ARG A 29 -12.53 12.06 -10.05
CA ARG A 29 -11.74 11.15 -10.88
C ARG A 29 -10.43 11.89 -11.15
N GLY A 30 -9.35 11.14 -11.29
CA GLY A 30 -8.05 11.77 -11.58
C GLY A 30 -7.34 12.26 -10.33
N SER A 31 -8.00 12.17 -9.19
CA SER A 31 -7.37 12.63 -7.97
C SER A 31 -6.96 11.49 -7.03
N PRO A 32 -6.19 11.81 -5.97
CA PRO A 32 -5.76 10.80 -5.00
C PRO A 32 -6.95 10.13 -4.29
N ALA A 33 -8.12 10.76 -4.25
CA ALA A 33 -9.27 10.10 -3.60
C ALA A 33 -9.63 8.86 -4.44
N GLU A 34 -9.50 8.96 -5.75
CA GLU A 34 -9.81 7.83 -6.63
C GLU A 34 -8.79 6.65 -6.49
N THR A 35 -7.51 6.97 -6.43
N THR A 35 -7.52 6.98 -6.43
CA THR A 35 -6.52 5.92 -6.30
CA THR A 35 -6.51 5.94 -6.30
C THR A 35 -6.60 5.26 -4.92
C THR A 35 -6.57 5.28 -4.92
N ALA A 36 -6.84 6.06 -3.88
CA ALA A 36 -6.93 5.50 -2.53
C ALA A 36 -8.18 4.63 -2.41
N PHE A 37 -9.24 5.02 -3.13
CA PHE A 37 -10.48 4.24 -3.18
C PHE A 37 -10.17 2.84 -3.76
N CYS A 38 -9.50 2.79 -4.91
CA CYS A 38 -9.24 1.51 -5.56
C CYS A 38 -8.31 0.64 -4.73
N ASN A 39 -7.21 1.24 -4.28
CA ASN A 39 -6.27 0.48 -3.46
C ASN A 39 -6.93 0.07 -2.16
N GLY A 40 -7.76 0.95 -1.58
CA GLY A 40 -8.41 0.61 -0.31
C GLY A 40 -9.41 -0.55 -0.43
N LEU A 41 -10.02 -0.70 -1.59
CA LEU A 41 -10.96 -1.80 -1.77
C LEU A 41 -10.21 -3.12 -1.90
N VAL A 42 -9.06 -3.07 -2.54
CA VAL A 42 -8.30 -4.28 -2.75
C VAL A 42 -7.50 -4.78 -1.55
N ASN A 43 -7.01 -3.85 -0.73
CA ASN A 43 -6.12 -4.21 0.38
C ASN A 43 -6.84 -4.37 1.74
N ASN A 44 -7.06 -5.59 2.17
CA ASN A 44 -7.70 -5.77 3.48
C ASN A 44 -6.81 -6.67 4.35
N LYS A 45 -7.06 -6.70 5.64
CA LYS A 45 -6.27 -7.56 6.53
C LYS A 45 -7.11 -8.03 7.69
N HIS A 46 -6.56 -8.95 8.49
N HIS A 46 -6.58 -8.98 8.47
CA HIS A 46 -7.26 -9.48 9.65
CA HIS A 46 -7.33 -9.51 9.60
C HIS A 46 -7.76 -8.31 10.47
C HIS A 46 -7.76 -8.34 10.46
N GLY A 47 -9.05 -8.31 10.80
CA GLY A 47 -9.60 -7.24 11.60
C GLY A 47 -9.90 -5.90 10.93
N PHE A 48 -9.43 -5.69 9.71
CA PHE A 48 -9.63 -4.39 9.06
C PHE A 48 -10.11 -4.59 7.64
N THR A 49 -11.39 -4.31 7.44
CA THR A 49 -12.05 -4.51 6.16
C THR A 49 -12.42 -3.20 5.50
N SER A 50 -12.94 -3.28 4.28
CA SER A 50 -13.40 -2.11 3.56
C SER A 50 -14.53 -2.62 2.69
N LEU A 51 -15.55 -1.80 2.49
CA LEU A 51 -16.61 -2.25 1.61
C LEU A 51 -17.19 -1.10 0.83
N LEU A 52 -17.86 -1.48 -0.25
CA LEU A 52 -18.54 -0.55 -1.14
C LEU A 52 -19.88 -0.41 -0.43
N ALA A 53 -20.14 0.78 0.12
CA ALA A 53 -21.37 1.01 0.86
C ALA A 53 -22.63 0.96 -0.01
N VAL A 54 -23.65 0.27 0.47
CA VAL A 54 -24.93 0.17 -0.25
C VAL A 54 -26.06 0.62 0.70
N ILE A 55 -27.15 1.16 0.13
CA ILE A 55 -28.27 1.55 0.96
C ILE A 55 -29.26 0.40 1.04
N ALA A 56 -29.15 -0.57 0.13
CA ALA A 56 -30.02 -1.72 0.09
C ALA A 56 -29.32 -2.77 -0.76
N PRO A 57 -29.65 -4.07 -0.58
CA PRO A 57 -28.97 -5.08 -1.40
C PRO A 57 -29.07 -4.68 -2.89
N ASN A 58 -27.95 -4.82 -3.58
CA ASN A 58 -27.85 -4.50 -4.98
C ASN A 58 -28.10 -3.05 -5.30
N LEU A 59 -27.94 -2.17 -4.31
CA LEU A 59 -28.16 -0.75 -4.55
C LEU A 59 -27.10 0.11 -3.82
N PRO A 60 -25.92 0.25 -4.42
CA PRO A 60 -24.86 1.07 -3.78
C PRO A 60 -25.19 2.54 -3.80
N CYS A 61 -24.73 3.29 -2.79
CA CYS A 61 -24.97 4.73 -2.84
C CYS A 61 -24.00 5.26 -3.88
N LYS A 62 -24.32 6.42 -4.45
CA LYS A 62 -23.51 7.11 -5.44
C LYS A 62 -23.48 8.53 -4.95
N PRO A 63 -22.31 9.16 -4.93
CA PRO A 63 -20.99 8.66 -5.35
C PRO A 63 -20.48 7.40 -4.65
N ASN A 64 -19.67 6.65 -5.40
CA ASN A 64 -19.02 5.43 -4.93
C ASN A 64 -18.40 5.73 -3.58
N THR A 65 -18.72 4.89 -2.60
CA THR A 65 -18.25 5.10 -1.24
C THR A 65 -17.56 3.88 -0.66
N LEU A 66 -16.31 4.07 -0.23
CA LEU A 66 -15.58 2.95 0.34
C LEU A 66 -15.63 3.19 1.83
N MET A 67 -16.21 2.25 2.56
N MET A 67 -16.24 2.23 2.54
CA MET A 67 -16.27 2.40 4.00
CA MET A 67 -16.39 2.29 4.00
C MET A 67 -15.31 1.39 4.60
C MET A 67 -15.35 1.34 4.64
N PHE A 68 -14.59 1.83 5.64
CA PHE A 68 -13.61 0.97 6.30
C PHE A 68 -13.56 1.26 7.80
N ASN A 69 -13.27 0.23 8.58
CA ASN A 69 -13.24 0.43 10.02
C ASN A 69 -11.89 0.86 10.55
N LYS A 70 -11.89 1.68 11.61
N LYS A 70 -11.95 1.72 11.58
CA LYS A 70 -10.64 2.10 12.20
CA LYS A 70 -10.79 2.28 12.26
C LYS A 70 -10.46 1.38 13.54
C LYS A 70 -10.55 1.59 13.61
N VAL A 71 -11.52 0.78 14.05
CA VAL A 71 -11.40 0.02 15.30
C VAL A 71 -11.45 -1.42 14.82
N THR A 72 -10.48 -2.22 15.22
CA THR A 72 -10.40 -3.60 14.81
C THR A 72 -11.70 -4.41 15.05
N ILE A 73 -12.02 -5.27 14.09
CA ILE A 73 -13.18 -6.14 14.18
C ILE A 73 -12.65 -7.51 14.57
N ASN A 74 -12.94 -7.94 15.79
CA ASN A 74 -12.46 -9.23 16.27
C ASN A 74 -13.47 -10.37 16.40
N ASP A 75 -14.75 -10.11 16.18
CA ASP A 75 -15.74 -11.19 16.26
C ASP A 75 -16.98 -10.87 15.42
N ALA A 76 -17.79 -11.89 15.17
CA ALA A 76 -18.98 -11.75 14.35
C ALA A 76 -19.87 -10.57 14.75
N ARG A 77 -20.04 -10.34 16.05
N ARG A 77 -19.96 -10.36 16.06
CA ARG A 77 -20.89 -9.23 16.48
CA ARG A 77 -20.73 -9.30 16.68
C ARG A 77 -20.40 -7.89 15.95
C ARG A 77 -20.39 -7.93 16.07
N GLN A 78 -19.10 -7.61 16.07
CA GLN A 78 -18.58 -6.34 15.59
C GLN A 78 -18.77 -6.23 14.07
N ALA A 79 -18.60 -7.35 13.36
CA ALA A 79 -18.76 -7.33 11.90
C ALA A 79 -20.19 -6.97 11.54
N VAL A 80 -21.14 -7.62 12.21
CA VAL A 80 -22.54 -7.35 11.96
C VAL A 80 -22.89 -5.89 12.17
N GLN A 81 -22.32 -5.26 13.20
CA GLN A 81 -22.63 -3.85 13.42
C GLN A 81 -22.10 -2.97 12.29
N MET A 82 -20.91 -3.34 11.80
CA MET A 82 -20.24 -2.64 10.71
C MET A 82 -21.06 -2.75 9.44
N PHE A 83 -21.38 -3.98 9.05
CA PHE A 83 -22.13 -4.21 7.82
C PHE A 83 -23.62 -3.91 7.85
N GLY A 84 -24.22 -3.87 9.04
CA GLY A 84 -25.64 -3.60 9.16
C GLY A 84 -25.90 -2.12 9.42
N PRO A 85 -26.12 -1.73 10.69
CA PRO A 85 -26.40 -0.35 11.09
C PRO A 85 -25.46 0.72 10.62
N ALA A 86 -24.16 0.53 10.86
CA ALA A 86 -23.18 1.54 10.45
C ALA A 86 -23.16 1.74 8.92
N GLN A 87 -23.12 0.64 8.16
CA GLN A 87 -23.12 0.74 6.69
C GLN A 87 -24.37 1.49 6.23
N HIS A 88 -25.50 1.10 6.80
CA HIS A 88 -26.75 1.75 6.40
C HIS A 88 -26.74 3.25 6.70
N GLY A 89 -26.27 3.64 7.88
CA GLY A 89 -26.25 5.07 8.19
C GLY A 89 -25.32 5.83 7.28
N VAL A 90 -24.14 5.27 7.01
CA VAL A 90 -23.18 5.95 6.14
C VAL A 90 -23.76 6.09 4.74
N ALA A 91 -24.27 4.99 4.20
CA ALA A 91 -24.85 5.01 2.86
C ALA A 91 -26.01 6.00 2.72
N MET A 92 -26.91 6.02 3.70
N MET A 92 -26.92 6.04 3.68
CA MET A 92 -28.04 6.96 3.68
CA MET A 92 -28.03 6.98 3.56
C MET A 92 -27.55 8.39 3.70
C MET A 92 -27.56 8.43 3.69
N ALA A 93 -26.53 8.66 4.50
CA ALA A 93 -26.00 10.01 4.63
C ALA A 93 -25.43 10.47 3.27
N VAL A 94 -24.69 9.58 2.60
CA VAL A 94 -24.14 9.95 1.29
C VAL A 94 -25.26 10.23 0.28
N GLN A 95 -26.26 9.36 0.23
CA GLN A 95 -27.32 9.58 -0.76
C GLN A 95 -28.14 10.82 -0.42
N ASP A 96 -28.40 11.06 0.87
CA ASP A 96 -29.15 12.25 1.25
C ASP A 96 -28.36 13.50 0.91
N ALA A 97 -27.03 13.43 0.94
CA ALA A 97 -26.25 14.61 0.62
C ALA A 97 -26.42 14.91 -0.87
N VAL A 98 -26.59 13.87 -1.70
CA VAL A 98 -26.79 14.10 -3.10
C VAL A 98 -28.22 14.65 -3.25
N ALA A 99 -29.20 13.98 -2.65
CA ALA A 99 -30.60 14.43 -2.72
C ALA A 99 -30.74 15.91 -2.36
N GLU A 100 -30.06 16.33 -1.30
CA GLU A 100 -30.11 17.72 -0.87
C GLU A 100 -29.20 18.65 -1.66
N GLY A 101 -28.41 18.13 -2.59
CA GLY A 101 -27.55 19.03 -3.35
C GLY A 101 -26.20 19.43 -2.76
N ILE A 102 -25.86 18.90 -1.58
CA ILE A 102 -24.58 19.20 -0.93
C ILE A 102 -23.49 18.63 -1.87
N ILE A 103 -23.73 17.43 -2.39
CA ILE A 103 -22.85 16.83 -3.38
C ILE A 103 -23.75 17.03 -4.59
N PRO A 104 -23.32 17.86 -5.55
CA PRO A 104 -24.14 18.11 -6.74
C PRO A 104 -24.47 16.87 -7.56
N ALA A 105 -25.74 16.72 -7.88
CA ALA A 105 -26.20 15.56 -8.62
C ALA A 105 -25.45 15.36 -9.93
N ASP A 106 -24.96 16.44 -10.54
CA ASP A 106 -24.23 16.28 -11.80
C ASP A 106 -22.76 15.94 -11.65
N GLU A 107 -22.30 15.76 -10.42
CA GLU A 107 -20.91 15.38 -10.21
C GLU A 107 -20.90 14.00 -9.53
N ALA A 108 -22.05 13.62 -8.98
CA ALA A 108 -22.15 12.39 -8.21
C ALA A 108 -21.64 11.10 -8.85
N ASP A 109 -21.68 10.99 -10.18
CA ASP A 109 -21.16 9.80 -10.84
C ASP A 109 -19.65 9.83 -11.11
N ASP A 110 -19.00 10.93 -10.73
CA ASP A 110 -17.55 11.09 -10.95
C ASP A 110 -16.78 11.46 -9.68
N LEU A 111 -17.34 11.13 -8.52
CA LEU A 111 -16.67 11.41 -7.26
C LEU A 111 -16.47 10.11 -6.51
N TYR A 112 -15.57 10.14 -5.53
CA TYR A 112 -15.29 8.99 -4.68
C TYR A 112 -15.30 9.47 -3.25
N VAL A 113 -15.89 8.68 -2.38
CA VAL A 113 -15.93 9.02 -0.97
C VAL A 113 -15.24 7.91 -0.16
N LEU A 114 -14.40 8.31 0.79
CA LEU A 114 -13.67 7.37 1.63
C LEU A 114 -14.15 7.65 3.07
N VAL A 115 -14.75 6.65 3.70
CA VAL A 115 -15.29 6.84 5.05
C VAL A 115 -14.72 5.88 6.12
N GLY A 116 -13.99 6.45 7.07
CA GLY A 116 -13.45 5.66 8.16
C GLY A 116 -14.40 5.75 9.36
N VAL A 117 -14.92 4.61 9.84
CA VAL A 117 -15.83 4.59 10.97
C VAL A 117 -15.16 3.96 12.20
N PHE A 118 -15.53 4.45 13.39
N PHE A 118 -15.53 4.45 13.40
CA PHE A 118 -14.99 3.95 14.64
CA PHE A 118 -14.95 4.03 14.68
C PHE A 118 -16.14 3.44 15.48
C PHE A 118 -16.06 3.44 15.57
N ILE A 119 -16.30 2.14 15.51
CA ILE A 119 -17.35 1.53 16.32
C ILE A 119 -16.77 0.82 17.53
N HIS A 120 -17.08 1.33 18.72
CA HIS A 120 -16.54 0.73 19.92
C HIS A 120 -17.02 -0.70 20.13
N TRP A 121 -16.15 -1.48 20.75
CA TRP A 121 -16.46 -2.88 21.05
C TRP A 121 -17.72 -2.96 21.92
N GLU A 122 -17.93 -1.92 22.74
CA GLU A 122 -19.05 -1.86 23.68
C GLU A 122 -20.39 -1.47 23.06
N ALA A 123 -20.37 -0.99 21.83
CA ALA A 123 -21.61 -0.60 21.17
C ALA A 123 -22.59 -1.79 21.18
N ALA A 124 -23.87 -1.50 21.39
CA ALA A 124 -24.91 -2.55 21.44
C ALA A 124 -26.25 -2.14 20.80
N ASP A 125 -26.57 -0.86 20.87
CA ASP A 125 -27.83 -0.32 20.33
C ASP A 125 -27.75 0.01 18.83
N ASP A 126 -28.23 -0.90 18.01
CA ASP A 126 -28.19 -0.74 16.56
C ASP A 126 -28.83 0.53 16.05
N ALA A 127 -29.95 0.90 16.65
CA ALA A 127 -30.64 2.10 16.21
C ALA A 127 -29.75 3.30 16.47
N LYS A 128 -28.97 3.29 17.54
CA LYS A 128 -28.11 4.45 17.76
C LYS A 128 -26.84 4.39 16.85
N ILE A 129 -26.31 3.19 16.65
CA ILE A 129 -25.11 3.01 15.80
C ILE A 129 -25.51 3.58 14.43
N GLN A 130 -26.65 3.12 13.91
CA GLN A 130 -27.10 3.64 12.62
C GLN A 130 -27.30 5.15 12.60
N LYS A 131 -28.05 5.66 13.56
CA LYS A 131 -28.34 7.10 13.60
C LYS A 131 -27.10 7.97 13.78
N TYR A 132 -26.26 7.62 14.73
CA TYR A 132 -25.08 8.45 14.96
C TYR A 132 -24.13 8.41 13.77
N ASN A 133 -23.97 7.23 13.15
CA ASN A 133 -23.06 7.21 12.00
C ASN A 133 -23.66 7.99 10.84
N TYR A 134 -24.98 7.93 10.69
CA TYR A 134 -25.63 8.71 9.65
C TYR A 134 -25.33 10.19 9.88
N GLU A 135 -25.51 10.63 11.11
CA GLU A 135 -25.27 12.05 11.42
C GLU A 135 -23.83 12.48 11.31
N ALA A 136 -22.91 11.64 11.80
CA ALA A 136 -21.50 12.02 11.71
C ALA A 136 -21.05 12.04 10.24
N THR A 137 -21.59 11.11 9.43
CA THR A 137 -21.18 11.09 8.03
C THR A 137 -21.73 12.30 7.29
N LYS A 138 -23.01 12.63 7.51
CA LYS A 138 -23.61 13.79 6.85
C LYS A 138 -22.83 15.05 7.25
N LEU A 139 -22.50 15.17 8.53
CA LEU A 139 -21.75 16.35 8.98
C LEU A 139 -20.37 16.41 8.31
N SER A 140 -19.68 15.26 8.30
CA SER A 140 -18.35 15.24 7.67
C SER A 140 -18.43 15.59 6.20
N ILE A 141 -19.51 15.17 5.54
CA ILE A 141 -19.62 15.51 4.12
C ILE A 141 -19.78 17.03 3.96
N GLN A 142 -20.71 17.63 4.71
N GLN A 142 -20.68 17.58 4.77
CA GLN A 142 -20.89 19.08 4.55
CA GLN A 142 -20.97 19.00 4.78
C GLN A 142 -19.60 19.83 4.92
C GLN A 142 -19.66 19.78 4.95
N ARG A 143 -18.92 19.43 5.99
CA ARG A 143 -17.65 20.08 6.34
C ARG A 143 -16.62 19.88 5.23
N ALA A 144 -16.49 18.66 4.72
CA ALA A 144 -15.52 18.45 3.64
C ALA A 144 -15.84 19.33 2.42
N VAL A 145 -17.08 19.26 1.93
CA VAL A 145 -17.43 20.02 0.72
C VAL A 145 -17.31 21.54 0.86
N ASN A 146 -17.53 22.06 2.06
CA ASN A 146 -17.41 23.49 2.22
C ASN A 146 -16.04 23.91 2.76
N GLY A 147 -15.12 22.96 2.82
CA GLY A 147 -13.78 23.23 3.31
C GLY A 147 -13.73 23.74 4.74
N GLU A 148 -14.39 23.03 5.65
CA GLU A 148 -14.42 23.42 7.06
C GLU A 148 -13.81 22.37 7.99
N PRO A 149 -13.23 22.83 9.11
CA PRO A 149 -13.14 24.25 9.50
C PRO A 149 -12.03 24.95 8.70
N LYS A 150 -12.25 26.19 8.28
CA LYS A 150 -11.23 26.92 7.53
C LYS A 150 -9.98 27.17 8.37
N ALA A 151 -8.83 27.20 7.72
CA ALA A 151 -7.55 27.41 8.41
C ALA A 151 -7.59 28.52 9.45
N SER A 152 -7.85 29.75 8.99
CA SER A 152 -7.91 30.93 9.85
C SER A 152 -8.87 30.78 11.03
N VAL A 153 -10.01 30.15 10.81
CA VAL A 153 -10.97 29.95 11.88
C VAL A 153 -10.35 29.13 13.02
N VAL A 154 -9.73 27.99 12.65
CA VAL A 154 -9.08 27.11 13.63
C VAL A 154 -7.83 27.76 14.25
N THR A 155 -7.13 28.56 13.44
CA THR A 155 -5.92 29.25 13.88
C THR A 155 -6.25 30.24 15.00
N GLU A 156 -7.29 31.03 14.79
CA GLU A 156 -7.71 32.02 15.77
C GLU A 156 -8.43 31.41 16.97
N GLN A 157 -8.41 30.09 17.07
CA GLN A 157 -9.03 29.41 18.19
C GLN A 157 -7.96 28.80 19.10
N ARG A 158 -6.72 28.88 18.65
CA ARG A 158 -5.58 28.40 19.43
C ARG A 158 -4.85 29.64 19.94
N LYS A 159 -5.25 30.79 19.40
CA LYS A 159 -4.66 32.10 19.75
C LYS A 159 -5.31 33.19 18.90
N ALA B 1 3.87 30.01 -3.82
CA ALA B 1 3.74 29.72 -2.36
C ALA B 1 5.13 29.47 -1.73
N LYS B 2 5.15 29.21 -0.42
CA LYS B 2 6.40 28.94 0.28
C LYS B 2 6.73 27.43 0.34
N ILE B 3 5.71 26.60 0.55
CA ILE B 3 5.88 25.15 0.60
C ILE B 3 5.32 24.65 -0.73
N THR B 4 6.20 24.48 -1.70
CA THR B 4 5.81 24.09 -3.04
C THR B 4 6.17 22.67 -3.43
N LYS B 5 6.83 21.94 -2.55
N LYS B 5 6.84 21.95 -2.54
CA LYS B 5 7.19 20.57 -2.85
CA LYS B 5 7.23 20.59 -2.84
C LYS B 5 7.21 19.78 -1.56
C LYS B 5 7.26 19.79 -1.55
N VAL B 6 7.48 18.48 -1.66
CA VAL B 6 7.52 17.64 -0.49
C VAL B 6 8.74 17.94 0.34
N GLN B 7 8.54 18.13 1.63
CA GLN B 7 9.66 18.39 2.53
C GLN B 7 9.59 17.40 3.69
N VAL B 8 10.77 17.02 4.18
CA VAL B 8 10.91 16.06 5.27
C VAL B 8 11.60 16.66 6.47
N GLY B 9 11.04 16.43 7.66
CA GLY B 9 11.62 16.95 8.89
C GLY B 9 11.61 15.89 9.95
N GLU B 10 12.44 16.07 10.96
CA GLU B 10 12.55 15.09 12.03
C GLU B 10 13.09 15.79 13.29
N ALA B 11 12.82 15.24 14.47
CA ALA B 11 13.32 15.83 15.69
C ALA B 11 13.10 14.88 16.85
N LEU B 12 14.04 14.94 17.78
CA LEU B 12 13.98 14.14 18.99
C LEU B 12 14.05 15.22 20.09
N VAL B 13 13.04 15.26 20.96
CA VAL B 13 12.96 16.28 22.01
C VAL B 13 12.52 15.70 23.35
N GLY B 14 13.05 16.27 24.44
CA GLY B 14 12.66 15.81 25.75
C GLY B 14 13.60 14.82 26.41
N ASP B 15 13.18 14.36 27.57
CA ASP B 15 13.99 13.43 28.35
C ASP B 15 13.11 12.32 28.90
N GLY B 16 13.76 11.35 29.54
CA GLY B 16 13.03 10.25 30.14
C GLY B 16 12.27 9.32 29.21
N ASN B 17 11.23 8.70 29.76
CA ASN B 17 10.41 7.78 29.00
C ASN B 17 9.40 8.48 28.10
N GLU B 18 9.22 9.77 28.33
CA GLU B 18 8.30 10.57 27.56
C GLU B 18 9.01 11.22 26.36
N VAL B 19 10.32 10.98 26.23
CA VAL B 19 11.06 11.60 25.11
C VAL B 19 10.31 11.37 23.79
N ALA B 20 10.13 12.43 23.02
CA ALA B 20 9.40 12.37 21.78
C ALA B 20 10.24 12.38 20.52
N HIS B 21 9.98 11.40 19.64
CA HIS B 21 10.67 11.30 18.34
C HIS B 21 9.61 11.49 17.25
N ILE B 22 9.76 12.54 16.44
CA ILE B 22 8.83 12.84 15.38
C ILE B 22 9.45 12.78 13.97
N ASP B 23 8.79 12.04 13.07
CA ASP B 23 9.18 11.98 11.65
C ASP B 23 8.05 12.70 10.94
N LEU B 24 8.37 13.66 10.08
CA LEU B 24 7.34 14.45 9.47
C LEU B 24 7.51 14.74 8.00
N ILE B 25 6.41 14.73 7.28
CA ILE B 25 6.44 15.04 5.86
C ILE B 25 5.37 16.06 5.63
N ILE B 26 5.66 17.06 4.81
CA ILE B 26 4.64 18.04 4.50
C ILE B 26 4.75 18.36 3.02
N GLY B 27 3.61 18.59 2.39
CA GLY B 27 3.64 18.86 0.98
C GLY B 27 2.28 19.31 0.52
N PRO B 28 2.21 19.93 -0.67
CA PRO B 28 1.00 20.46 -1.31
C PRO B 28 0.13 19.42 -2.06
N ARG B 29 -1.02 19.89 -2.55
CA ARG B 29 -1.94 19.08 -3.34
C ARG B 29 -1.18 18.72 -4.59
N GLY B 30 -1.43 17.53 -5.11
CA GLY B 30 -0.74 17.11 -6.31
C GLY B 30 0.62 16.50 -6.04
N SER B 31 1.07 16.50 -4.79
CA SER B 31 2.36 15.93 -4.46
C SER B 31 2.22 14.57 -3.76
N PRO B 32 3.32 13.83 -3.62
N PRO B 32 3.33 13.84 -3.59
CA PRO B 32 3.18 12.53 -2.94
CA PRO B 32 3.25 12.54 -2.92
C PRO B 32 2.69 12.62 -1.49
C PRO B 32 2.79 12.61 -1.47
N ALA B 33 2.75 13.80 -0.89
CA ALA B 33 2.27 13.92 0.51
C ALA B 33 0.75 13.75 0.53
N GLU B 34 0.09 14.28 -0.50
CA GLU B 34 -1.37 14.15 -0.59
C GLU B 34 -1.75 12.68 -0.79
N THR B 35 -1.05 12.00 -1.70
N THR B 35 -1.05 12.00 -1.71
CA THR B 35 -1.37 10.60 -1.93
CA THR B 35 -1.36 10.59 -1.96
C THR B 35 -1.08 9.76 -0.70
C THR B 35 -1.07 9.76 -0.72
N ALA B 36 0.05 9.99 -0.05
CA ALA B 36 0.37 9.21 1.14
C ALA B 36 -0.62 9.51 2.31
N PHE B 37 -1.18 10.71 2.32
CA PHE B 37 -2.15 11.10 3.34
C PHE B 37 -3.46 10.28 3.14
N CYS B 38 -3.97 10.28 1.92
CA CYS B 38 -5.19 9.56 1.63
C CYS B 38 -5.01 8.06 1.89
N ASN B 39 -3.94 7.45 1.36
CA ASN B 39 -3.67 6.03 1.62
C ASN B 39 -3.47 5.74 3.11
N GLY B 40 -2.70 6.61 3.78
CA GLY B 40 -2.44 6.36 5.19
C GLY B 40 -3.68 6.42 6.08
N LEU B 41 -4.66 7.25 5.71
CA LEU B 41 -5.91 7.32 6.52
C LEU B 41 -6.72 6.02 6.31
N VAL B 42 -6.71 5.55 5.07
CA VAL B 42 -7.43 4.35 4.71
C VAL B 42 -6.85 3.02 5.17
N ASN B 43 -5.52 2.90 5.16
CA ASN B 43 -4.87 1.63 5.51
C ASN B 43 -4.40 1.48 6.97
N ASN B 44 -5.16 0.74 7.78
CA ASN B 44 -4.82 0.49 9.18
C ASN B 44 -4.70 -1.01 9.43
N LYS B 45 -4.01 -1.39 10.51
CA LYS B 45 -3.83 -2.78 10.88
C LYS B 45 -3.78 -2.94 12.40
N HIS B 46 -3.75 -4.17 12.88
CA HIS B 46 -3.67 -4.39 14.31
C HIS B 46 -2.46 -3.67 14.87
N GLY B 47 -2.69 -2.83 15.87
CA GLY B 47 -1.65 -2.07 16.55
C GLY B 47 -1.13 -0.84 15.85
N PHE B 48 -1.54 -0.60 14.63
CA PHE B 48 -1.03 0.54 13.90
C PHE B 48 -2.17 1.32 13.30
N THR B 49 -2.40 2.47 13.90
CA THR B 49 -3.52 3.27 13.51
C THR B 49 -3.05 4.55 12.89
N SER B 50 -4.00 5.33 12.40
CA SER B 50 -3.72 6.64 11.86
C SER B 50 -4.97 7.46 12.12
N LEU B 51 -4.80 8.75 12.37
CA LEU B 51 -5.97 9.59 12.59
C LEU B 51 -5.81 10.98 12.07
N LEU B 52 -6.94 11.65 11.84
CA LEU B 52 -6.89 13.03 11.38
C LEU B 52 -6.74 13.80 12.70
N ALA B 53 -5.59 14.46 12.87
CA ALA B 53 -5.31 15.18 14.10
C ALA B 53 -6.25 16.34 14.41
N VAL B 54 -6.77 16.36 15.64
CA VAL B 54 -7.65 17.48 16.03
C VAL B 54 -7.12 18.19 17.29
N ILE B 55 -7.31 19.50 17.38
CA ILE B 55 -6.91 20.19 18.59
C ILE B 55 -8.02 20.02 19.65
N ALA B 56 -9.26 19.86 19.17
CA ALA B 56 -10.44 19.68 20.04
C ALA B 56 -11.53 18.91 19.30
N PRO B 57 -12.53 18.42 20.05
CA PRO B 57 -13.61 17.66 19.40
C PRO B 57 -14.24 18.44 18.26
N ASN B 58 -14.39 17.79 17.12
CA ASN B 58 -14.98 18.43 15.95
C ASN B 58 -14.19 19.64 15.50
N LEU B 59 -12.91 19.68 15.90
CA LEU B 59 -12.02 20.78 15.49
C LEU B 59 -10.64 20.27 15.03
N PRO B 60 -10.55 19.82 13.76
CA PRO B 60 -9.29 19.32 13.22
C PRO B 60 -8.28 20.48 12.99
N CYS B 61 -6.99 20.22 13.17
CA CYS B 61 -6.02 21.28 12.89
C CYS B 61 -5.88 21.40 11.37
N LYS B 62 -5.44 22.58 10.91
CA LYS B 62 -5.24 22.86 9.50
C LYS B 62 -3.85 23.46 9.39
N PRO B 63 -3.05 23.03 8.39
CA PRO B 63 -3.38 22.03 7.37
C PRO B 63 -3.76 20.64 7.86
N ASN B 64 -4.47 19.91 6.99
CA ASN B 64 -4.89 18.55 7.27
C ASN B 64 -3.68 17.77 7.71
N THR B 65 -3.80 17.07 8.83
CA THR B 65 -2.69 16.33 9.38
C THR B 65 -3.05 14.89 9.69
N LEU B 66 -2.22 13.97 9.21
CA LEU B 66 -2.44 12.55 9.48
C LEU B 66 -1.35 12.15 10.46
N MET B 67 -1.76 11.61 11.60
CA MET B 67 -0.86 11.21 12.65
C MET B 67 -0.94 9.71 12.75
N PHE B 68 0.21 9.05 12.88
CA PHE B 68 0.22 7.59 12.96
C PHE B 68 1.31 7.14 13.92
N ASN B 69 1.08 6.05 14.63
CA ASN B 69 2.05 5.58 15.61
C ASN B 69 3.11 4.68 15.00
N LYS B 70 4.31 4.75 15.57
CA LYS B 70 5.43 3.95 15.13
C LYS B 70 5.70 2.82 16.08
N VAL B 71 5.09 2.83 17.25
CA VAL B 71 5.30 1.73 18.20
C VAL B 71 3.97 1.00 18.30
N THR B 72 3.96 -0.31 18.16
CA THR B 72 2.73 -1.05 18.22
C THR B 72 1.89 -0.71 19.47
N ILE B 73 0.59 -0.50 19.28
CA ILE B 73 -0.29 -0.21 20.42
C ILE B 73 -0.89 -1.55 20.78
N ASN B 74 -0.46 -2.12 21.91
CA ASN B 74 -0.92 -3.45 22.36
C ASN B 74 -1.98 -3.50 23.44
N ASP B 75 -2.19 -2.36 24.10
CA ASP B 75 -3.15 -2.28 25.20
C ASP B 75 -3.91 -0.95 25.15
N ALA B 76 -4.85 -0.78 26.09
CA ALA B 76 -5.67 0.42 26.14
C ALA B 76 -4.89 1.68 26.51
N ARG B 77 -3.92 1.54 27.39
CA ARG B 77 -3.19 2.72 27.81
C ARG B 77 -2.33 3.35 26.72
N GLN B 78 -1.79 2.51 25.84
CA GLN B 78 -0.94 3.02 24.77
C GLN B 78 -1.86 3.82 23.89
N ALA B 79 -3.08 3.31 23.72
CA ALA B 79 -4.06 3.99 22.90
C ALA B 79 -4.43 5.35 23.48
N VAL B 80 -4.71 5.40 24.79
CA VAL B 80 -5.06 6.68 25.39
C VAL B 80 -3.91 7.66 25.25
N GLN B 81 -2.69 7.16 25.44
CA GLN B 81 -1.52 8.03 25.28
C GLN B 81 -1.52 8.61 23.84
N MET B 82 -1.60 7.72 22.85
N MET B 82 -1.60 7.72 22.85
CA MET B 82 -1.61 8.13 21.44
CA MET B 82 -1.61 8.13 21.44
C MET B 82 -2.71 9.15 21.15
C MET B 82 -2.71 9.15 21.16
N PHE B 83 -3.95 8.80 21.52
CA PHE B 83 -5.09 9.69 21.27
C PHE B 83 -5.23 10.91 22.14
N GLY B 84 -4.75 10.83 23.37
CA GLY B 84 -4.86 11.98 24.26
C GLY B 84 -3.80 13.05 24.10
N PRO B 85 -2.78 13.05 24.98
CA PRO B 85 -1.70 14.04 24.95
C PRO B 85 -0.88 14.11 23.64
N ALA B 86 -0.50 12.95 23.09
CA ALA B 86 0.30 12.94 21.86
C ALA B 86 -0.41 13.71 20.77
N GLN B 87 -1.63 13.27 20.45
CA GLN B 87 -2.40 13.95 19.43
C GLN B 87 -2.52 15.43 19.73
N HIS B 88 -2.85 15.74 20.98
CA HIS B 88 -3.03 17.14 21.31
C HIS B 88 -1.73 17.96 21.11
N GLY B 89 -0.60 17.41 21.53
CA GLY B 89 0.65 18.11 21.30
C GLY B 89 0.93 18.34 19.81
N VAL B 90 0.70 17.30 19.00
CA VAL B 90 0.94 17.38 17.57
C VAL B 90 0.07 18.39 16.90
N ALA B 91 -1.21 18.29 17.20
CA ALA B 91 -2.21 19.18 16.63
C ALA B 91 -1.93 20.66 17.01
N MET B 92 -1.53 20.89 18.27
CA MET B 92 -1.20 22.27 18.67
C MET B 92 0.00 22.79 17.88
N ALA B 93 1.04 21.96 17.79
CA ALA B 93 2.25 22.34 17.03
C ALA B 93 1.89 22.74 15.62
N VAL B 94 1.07 21.93 14.96
CA VAL B 94 0.70 22.31 13.61
C VAL B 94 -0.01 23.66 13.59
N GLN B 95 -1.00 23.86 14.45
CA GLN B 95 -1.69 25.16 14.43
C GLN B 95 -0.73 26.31 14.78
N ASP B 96 0.13 26.09 15.76
CA ASP B 96 1.06 27.16 16.11
C ASP B 96 2.00 27.51 14.95
N ALA B 97 2.44 26.50 14.21
CA ALA B 97 3.30 26.77 13.06
C ALA B 97 2.55 27.66 12.08
N VAL B 98 1.24 27.49 11.98
CA VAL B 98 0.48 28.33 11.07
C VAL B 98 0.39 29.75 11.68
N ALA B 99 0.10 29.80 12.97
CA ALA B 99 0.00 31.08 13.69
C ALA B 99 1.26 31.91 13.49
N GLU B 100 2.41 31.30 13.74
CA GLU B 100 3.69 32.00 13.60
C GLU B 100 4.12 32.22 12.17
N GLY B 101 3.34 31.76 11.19
CA GLY B 101 3.76 31.96 9.80
C GLY B 101 4.76 30.95 9.23
N ILE B 102 5.20 29.98 10.04
CA ILE B 102 6.13 28.97 9.53
C ILE B 102 5.45 28.29 8.32
N ILE B 103 4.18 27.93 8.48
CA ILE B 103 3.39 27.37 7.39
C ILE B 103 2.47 28.55 7.05
N PRO B 104 2.64 29.15 5.87
CA PRO B 104 1.78 30.29 5.55
C PRO B 104 0.28 29.98 5.61
N ALA B 105 -0.47 30.85 6.28
CA ALA B 105 -1.90 30.67 6.42
C ALA B 105 -2.66 30.65 5.09
N ASP B 106 -2.14 31.33 4.08
CA ASP B 106 -2.82 31.35 2.79
C ASP B 106 -2.58 30.08 1.94
N GLU B 107 -2.03 29.05 2.57
CA GLU B 107 -1.84 27.80 1.86
C GLU B 107 -2.09 26.63 2.80
N ALA B 108 -2.49 26.96 4.03
CA ALA B 108 -2.79 25.96 5.04
C ALA B 108 -4.00 25.09 4.68
N ASP B 109 -4.78 25.50 3.70
CA ASP B 109 -5.94 24.72 3.30
C ASP B 109 -5.56 23.86 2.07
N ASP B 110 -4.31 23.97 1.64
CA ASP B 110 -3.85 23.21 0.50
C ASP B 110 -2.58 22.39 0.71
N LEU B 111 -2.28 22.06 1.97
CA LEU B 111 -1.11 21.26 2.32
C LEU B 111 -1.55 20.09 3.18
N TYR B 112 -0.70 19.07 3.25
CA TYR B 112 -0.98 17.91 4.06
C TYR B 112 0.22 17.65 4.92
N VAL B 113 -0.03 17.19 6.15
CA VAL B 113 1.06 16.89 7.03
C VAL B 113 0.95 15.47 7.45
N LEU B 114 2.09 14.78 7.48
CA LEU B 114 2.12 13.40 7.88
C LEU B 114 3.03 13.38 9.07
N VAL B 115 2.52 12.91 10.21
CA VAL B 115 3.32 12.84 11.41
C VAL B 115 3.40 11.48 12.04
N GLY B 116 4.61 10.92 12.07
CA GLY B 116 4.89 9.62 12.68
C GLY B 116 5.32 9.90 14.13
N VAL B 117 4.62 9.26 15.09
CA VAL B 117 4.86 9.45 16.52
C VAL B 117 5.39 8.18 17.16
N PHE B 118 6.43 8.35 17.96
N PHE B 118 6.48 8.29 17.94
CA PHE B 118 7.00 7.21 18.63
CA PHE B 118 7.12 7.12 18.58
C PHE B 118 6.74 7.43 20.11
C PHE B 118 7.01 7.26 20.12
N ILE B 119 6.21 6.41 20.74
CA ILE B 119 5.97 6.49 22.19
C ILE B 119 6.37 5.21 22.88
N HIS B 120 7.48 5.23 23.62
CA HIS B 120 7.92 4.04 24.34
C HIS B 120 6.76 3.60 25.25
N TRP B 121 6.66 2.30 25.55
CA TRP B 121 5.56 1.87 26.43
C TRP B 121 5.83 2.28 27.87
N GLU B 122 7.09 2.64 28.19
CA GLU B 122 7.39 3.06 29.55
C GLU B 122 6.93 4.49 29.84
N ALA B 123 6.48 5.22 28.82
CA ALA B 123 6.04 6.60 29.06
C ALA B 123 4.85 6.60 30.00
N ALA B 124 4.80 7.59 30.89
CA ALA B 124 3.69 7.63 31.83
C ALA B 124 3.22 9.04 32.15
N ASP B 125 4.10 10.01 32.03
CA ASP B 125 3.72 11.38 32.36
C ASP B 125 3.00 12.13 31.23
N ASP B 126 1.68 11.97 31.13
CA ASP B 126 0.92 12.65 30.06
C ASP B 126 1.38 14.07 29.79
N ALA B 127 1.73 14.76 30.85
CA ALA B 127 2.16 16.16 30.77
C ALA B 127 3.43 16.30 29.88
N LYS B 128 4.39 15.41 30.08
CA LYS B 128 5.61 15.48 29.27
C LYS B 128 5.32 14.97 27.85
N ILE B 129 4.63 13.81 27.76
CA ILE B 129 4.26 13.22 26.48
C ILE B 129 3.72 14.34 25.61
N GLN B 130 2.80 15.11 26.17
CA GLN B 130 2.23 16.19 25.39
C GLN B 130 3.17 17.34 25.03
N LYS B 131 4.04 17.76 25.96
CA LYS B 131 4.91 18.89 25.63
C LYS B 131 6.03 18.51 24.68
N TYR B 132 6.59 17.31 24.85
CA TYR B 132 7.69 16.89 23.99
C TYR B 132 7.23 16.63 22.56
N ASN B 133 6.03 16.07 22.38
CA ASN B 133 5.52 15.84 21.03
C ASN B 133 5.22 17.18 20.40
N TYR B 134 4.71 18.10 21.21
CA TYR B 134 4.44 19.45 20.69
C TYR B 134 5.74 20.13 20.18
N GLU B 135 6.81 20.00 20.95
CA GLU B 135 8.09 20.63 20.59
C GLU B 135 8.79 19.90 19.43
N ALA B 136 8.81 18.58 19.51
CA ALA B 136 9.39 17.76 18.44
C ALA B 136 8.65 18.03 17.13
N THR B 137 7.32 18.16 17.17
CA THR B 137 6.56 18.42 15.93
C THR B 137 6.85 19.79 15.39
N LYS B 138 6.90 20.77 16.28
CA LYS B 138 7.16 22.13 15.87
C LYS B 138 8.56 22.25 15.22
N LEU B 139 9.55 21.64 15.84
CA LEU B 139 10.91 21.65 15.32
C LEU B 139 10.92 20.92 13.94
N SER B 140 10.29 19.75 13.91
CA SER B 140 10.24 18.96 12.66
C SER B 140 9.63 19.78 11.53
N ILE B 141 8.58 20.54 11.84
CA ILE B 141 7.95 21.40 10.83
C ILE B 141 8.88 22.52 10.34
N GLN B 142 9.56 23.22 11.25
CA GLN B 142 10.44 24.27 10.75
C GLN B 142 11.63 23.69 9.99
N ARG B 143 12.14 22.55 10.44
CA ARG B 143 13.25 21.90 9.72
C ARG B 143 12.79 21.51 8.31
N ALA B 144 11.60 20.94 8.18
CA ALA B 144 11.11 20.56 6.84
C ALA B 144 10.91 21.76 5.91
N VAL B 145 10.20 22.75 6.43
CA VAL B 145 9.91 23.93 5.66
C VAL B 145 11.19 24.68 5.24
N ASN B 146 12.21 24.68 6.10
CA ASN B 146 13.46 25.37 5.76
C ASN B 146 14.50 24.45 5.12
N GLY B 147 14.13 23.17 4.92
CA GLY B 147 15.05 22.21 4.32
C GLY B 147 16.29 21.93 5.16
N GLU B 148 16.14 21.90 6.48
CA GLU B 148 17.26 21.64 7.38
C GLU B 148 17.22 20.22 7.92
N PRO B 149 18.39 19.61 8.13
CA PRO B 149 19.68 20.24 7.86
C PRO B 149 20.08 20.10 6.39
N LYS B 150 20.80 21.09 5.85
CA LYS B 150 21.28 20.99 4.47
C LYS B 150 22.27 19.83 4.36
N ALA B 151 22.33 19.21 3.19
CA ALA B 151 23.24 18.09 3.00
C ALA B 151 24.70 18.50 3.29
N SER B 152 25.11 19.69 2.81
CA SER B 152 26.47 20.17 3.00
C SER B 152 26.77 20.28 4.50
N VAL B 153 25.79 20.75 5.28
CA VAL B 153 25.96 20.88 6.72
C VAL B 153 26.13 19.52 7.40
N VAL B 154 25.29 18.54 7.03
CA VAL B 154 25.41 17.19 7.61
C VAL B 154 26.75 16.56 7.22
N THR B 155 27.14 16.72 5.95
CA THR B 155 28.41 16.14 5.48
C THR B 155 29.59 16.63 6.35
N GLU B 156 29.64 17.94 6.62
CA GLU B 156 30.69 18.54 7.45
C GLU B 156 30.74 17.91 8.85
N GLN B 157 29.56 17.67 9.43
CA GLN B 157 29.46 17.11 10.77
C GLN B 157 29.39 15.60 10.87
N ARG B 158 29.36 14.89 9.74
CA ARG B 158 29.23 13.43 9.77
C ARG B 158 30.26 12.72 10.63
N LYS B 159 31.43 13.33 10.82
CA LYS B 159 32.46 12.71 11.64
C LYS B 159 32.51 13.20 13.09
N SER B 160 32.46 14.52 13.31
CA SER B 160 32.49 15.01 14.68
C SER B 160 31.21 14.64 15.43
N ALA B 161 31.03 13.34 15.67
CA ALA B 161 29.87 12.79 16.38
C ALA B 161 28.52 13.37 15.91
N ALA C 1 22.14 16.77 -14.00
CA ALA C 1 22.23 15.88 -12.80
C ALA C 1 22.64 14.48 -13.21
N LYS C 2 23.21 13.73 -12.26
CA LYS C 2 23.62 12.36 -12.47
C LYS C 2 22.53 11.34 -12.09
N ILE C 3 21.83 11.56 -10.99
CA ILE C 3 20.76 10.61 -10.62
C ILE C 3 19.43 11.24 -11.03
N THR C 4 18.97 10.94 -12.24
CA THR C 4 17.77 11.54 -12.77
C THR C 4 16.57 10.60 -12.86
N LYS C 5 16.74 9.36 -12.42
CA LYS C 5 15.65 8.39 -12.45
C LYS C 5 15.86 7.38 -11.35
N VAL C 6 14.85 6.54 -11.11
CA VAL C 6 14.94 5.54 -10.06
C VAL C 6 15.99 4.51 -10.38
N GLN C 7 16.83 4.15 -9.41
CA GLN C 7 17.85 3.12 -9.61
C GLN C 7 17.77 2.14 -8.43
N VAL C 8 18.17 0.91 -8.69
CA VAL C 8 18.11 -0.17 -7.72
C VAL C 8 19.48 -0.76 -7.52
N GLY C 9 19.86 -0.96 -6.25
CA GLY C 9 21.16 -1.54 -5.93
C GLY C 9 21.01 -2.58 -4.85
N GLU C 10 22.01 -3.44 -4.72
CA GLU C 10 22.02 -4.47 -3.70
C GLU C 10 23.43 -4.95 -3.46
N ALA C 11 23.65 -5.56 -2.31
CA ALA C 11 24.95 -6.05 -1.96
C ALA C 11 24.84 -6.99 -0.78
N LEU C 12 25.78 -7.92 -0.71
CA LEU C 12 25.86 -8.88 0.39
C LEU C 12 27.32 -8.74 0.90
N VAL C 13 27.50 -8.32 2.16
CA VAL C 13 28.84 -8.10 2.72
C VAL C 13 29.03 -8.63 4.14
N GLY C 14 30.15 -9.32 4.39
CA GLY C 14 30.41 -9.79 5.73
C GLY C 14 30.36 -11.30 5.85
N ASP C 15 30.42 -11.81 7.08
CA ASP C 15 30.36 -13.24 7.36
C ASP C 15 29.70 -13.49 8.73
N GLY C 16 29.55 -14.76 9.09
CA GLY C 16 28.97 -15.11 10.38
C GLY C 16 27.54 -14.62 10.46
N ASN C 17 27.04 -14.45 11.67
CA ASN C 17 25.67 -14.03 11.88
C ASN C 17 25.40 -12.57 11.59
N GLU C 18 26.47 -11.79 11.47
CA GLU C 18 26.31 -10.35 11.25
C GLU C 18 26.32 -9.98 9.77
N VAL C 19 26.45 -10.97 8.90
CA VAL C 19 26.47 -10.69 7.46
C VAL C 19 25.32 -9.76 7.07
N ALA C 20 25.62 -8.80 6.22
CA ALA C 20 24.63 -7.80 5.83
C ALA C 20 24.24 -7.87 4.38
N HIS C 21 22.94 -7.97 4.16
CA HIS C 21 22.37 -7.99 2.82
C HIS C 21 21.60 -6.70 2.74
N ILE C 22 21.79 -5.95 1.68
CA ILE C 22 21.06 -4.71 1.52
C ILE C 22 20.35 -4.66 0.16
N ASP C 23 19.10 -4.18 0.14
CA ASP C 23 18.35 -3.97 -1.13
C ASP C 23 18.14 -2.47 -1.05
N LEU C 24 18.31 -1.80 -2.18
CA LEU C 24 18.25 -0.35 -2.12
C LEU C 24 17.71 0.32 -3.34
N ILE C 25 16.97 1.39 -3.12
CA ILE C 25 16.38 2.17 -4.19
C ILE C 25 16.77 3.63 -3.98
N ILE C 26 17.13 4.33 -5.04
CA ILE C 26 17.45 5.73 -4.90
C ILE C 26 16.85 6.43 -6.09
N GLY C 27 16.32 7.63 -5.87
CA GLY C 27 15.70 8.35 -6.94
C GLY C 27 15.39 9.79 -6.54
N PRO C 28 15.18 10.64 -7.54
CA PRO C 28 14.89 12.08 -7.42
C PRO C 28 13.43 12.40 -7.12
N ARG C 29 13.18 13.67 -6.81
CA ARG C 29 11.83 14.17 -6.59
C ARG C 29 11.05 13.91 -7.88
N GLY C 30 9.76 13.64 -7.75
CA GLY C 30 8.93 13.40 -8.91
C GLY C 30 9.02 11.98 -9.39
N SER C 31 9.83 11.15 -8.73
CA SER C 31 9.96 9.75 -9.15
C SER C 31 9.28 8.78 -8.16
N PRO C 32 9.11 7.51 -8.56
N PRO C 32 9.13 7.51 -8.57
CA PRO C 32 8.47 6.57 -7.62
CA PRO C 32 8.51 6.50 -7.71
C PRO C 32 9.27 6.36 -6.36
C PRO C 32 9.30 6.28 -6.41
N ALA C 33 10.55 6.75 -6.37
CA ALA C 33 11.35 6.60 -5.15
C ALA C 33 10.77 7.55 -4.09
N GLU C 34 10.35 8.72 -4.52
CA GLU C 34 9.78 9.71 -3.62
C GLU C 34 8.42 9.21 -3.08
N THR C 35 7.58 8.67 -3.96
N THR C 35 7.55 8.67 -3.92
CA THR C 35 6.28 8.18 -3.51
CA THR C 35 6.28 8.23 -3.37
C THR C 35 6.43 6.97 -2.60
C THR C 35 6.44 6.96 -2.54
N ALA C 36 7.37 6.06 -2.90
CA ALA C 36 7.57 4.86 -2.06
C ALA C 36 8.17 5.28 -0.70
N PHE C 37 8.97 6.33 -0.71
CA PHE C 37 9.56 6.84 0.52
C PHE C 37 8.42 7.35 1.47
N CYS C 38 7.54 8.17 0.94
CA CYS C 38 6.41 8.71 1.73
C CYS C 38 5.48 7.61 2.18
N ASN C 39 5.11 6.67 1.29
CA ASN C 39 4.24 5.59 1.71
C ASN C 39 4.90 4.72 2.72
N GLY C 40 6.18 4.46 2.52
CA GLY C 40 6.88 3.59 3.44
C GLY C 40 7.04 4.20 4.84
N LEU C 41 7.10 5.52 4.93
CA LEU C 41 7.24 6.10 6.27
C LEU C 41 5.91 5.91 7.02
N VAL C 42 4.82 6.05 6.29
CA VAL C 42 3.47 5.97 6.88
C VAL C 42 2.99 4.58 7.25
N ASN C 43 3.32 3.60 6.40
CA ASN C 43 2.79 2.23 6.56
C ASN C 43 3.68 1.26 7.33
N ASN C 44 3.42 1.04 8.62
CA ASN C 44 4.20 0.08 9.40
C ASN C 44 3.24 -0.99 9.95
N LYS C 45 3.82 -2.09 10.42
N LYS C 45 3.79 -2.13 10.30
CA LYS C 45 3.05 -3.19 11.00
CA LYS C 45 3.01 -3.26 10.81
C LYS C 45 3.86 -4.04 12.00
C LYS C 45 3.77 -3.80 11.98
N HIS C 46 3.16 -4.89 12.75
N HIS C 46 3.19 -4.81 12.64
CA HIS C 46 3.80 -5.74 13.75
CA HIS C 46 3.86 -5.44 13.77
C HIS C 46 5.07 -6.37 13.21
C HIS C 46 5.07 -6.11 13.14
N GLY C 47 6.21 -6.03 13.83
CA GLY C 47 7.46 -6.59 13.37
C GLY C 47 8.13 -5.91 12.20
N PHE C 48 7.46 -4.98 11.52
CA PHE C 48 8.04 -4.35 10.31
C PHE C 48 7.94 -2.86 10.41
N THR C 49 9.08 -2.24 10.67
CA THR C 49 9.14 -0.80 10.87
C THR C 49 9.88 -0.07 9.75
N SER C 50 9.81 1.26 9.78
CA SER C 50 10.57 2.07 8.86
C SER C 50 10.93 3.32 9.65
N LEU C 51 12.05 3.94 9.31
N LEU C 51 12.08 3.89 9.33
CA LEU C 51 12.43 5.17 10.00
CA LEU C 51 12.57 5.07 10.04
C LEU C 51 13.30 6.02 9.11
C LEU C 51 13.38 5.99 9.15
N LEU C 52 13.39 7.29 9.45
CA LEU C 52 14.20 8.26 8.73
C LEU C 52 15.59 8.08 9.37
N ALA C 53 16.55 7.56 8.61
CA ALA C 53 17.87 7.29 9.19
C ALA C 53 18.66 8.52 9.66
N VAL C 54 19.24 8.42 10.85
CA VAL C 54 20.05 9.53 11.33
C VAL C 54 21.46 9.12 11.68
N ILE C 55 22.39 10.05 11.52
N ILE C 55 22.34 10.10 11.51
CA ILE C 55 23.77 9.77 11.89
CA ILE C 55 23.77 9.99 11.80
C ILE C 55 23.87 9.93 13.40
C ILE C 55 23.98 10.13 13.30
N ALA C 56 23.10 10.89 13.95
CA ALA C 56 23.13 11.15 15.39
C ALA C 56 21.79 11.79 15.74
N PRO C 57 21.47 11.88 17.04
CA PRO C 57 20.18 12.50 17.42
C PRO C 57 20.04 13.87 16.78
N ASN C 58 18.88 14.10 16.15
CA ASN C 58 18.59 15.35 15.47
C ASN C 58 19.52 15.65 14.29
N LEU C 59 20.16 14.62 13.75
CA LEU C 59 21.03 14.83 12.60
C LEU C 59 20.79 13.71 11.54
N PRO C 60 19.76 13.88 10.70
CA PRO C 60 19.44 12.91 9.65
C PRO C 60 20.47 12.93 8.54
N CYS C 61 20.78 11.78 7.97
CA CYS C 61 21.72 11.80 6.86
C CYS C 61 20.93 12.43 5.72
N LYS C 62 21.65 12.93 4.73
CA LYS C 62 21.04 13.59 3.59
C LYS C 62 21.85 13.08 2.41
N PRO C 63 21.19 12.65 1.33
CA PRO C 63 19.77 12.58 1.07
C PRO C 63 18.88 11.83 2.07
N ASN C 64 17.64 12.28 2.17
CA ASN C 64 16.62 11.68 3.04
C ASN C 64 16.63 10.19 2.77
N THR C 65 16.76 9.45 3.85
CA THR C 65 16.85 8.00 3.78
C THR C 65 15.83 7.27 4.67
N LEU C 66 15.05 6.39 4.05
CA LEU C 66 14.08 5.59 4.80
C LEU C 66 14.69 4.20 4.91
N MET C 67 14.97 3.78 6.13
CA MET C 67 15.55 2.48 6.38
C MET C 67 14.40 1.60 6.87
N PHE C 68 14.31 0.33 6.43
CA PHE C 68 13.24 -0.55 6.86
C PHE C 68 13.75 -1.97 6.95
N ASN C 69 13.16 -2.76 7.86
CA ASN C 69 13.66 -4.12 7.99
C ASN C 69 12.92 -5.13 7.12
N LYS C 70 13.66 -6.17 6.73
CA LYS C 70 13.16 -7.24 5.90
C LYS C 70 13.04 -8.52 6.71
N VAL C 71 13.63 -8.52 7.90
CA VAL C 71 13.53 -9.67 8.80
C VAL C 71 12.68 -9.18 9.99
N THR C 72 11.65 -9.95 10.33
N THR C 72 11.61 -9.91 10.30
CA THR C 72 10.76 -9.63 11.43
CA THR C 72 10.72 -9.50 11.38
C THR C 72 11.51 -9.25 12.71
C THR C 72 11.47 -9.24 12.69
N ILE C 73 11.09 -8.17 13.37
CA ILE C 73 11.72 -7.78 14.62
C ILE C 73 10.74 -8.27 15.69
N ASN C 74 11.10 -9.31 16.42
CA ASN C 74 10.18 -9.89 17.43
C ASN C 74 10.46 -9.51 18.88
N ASP C 75 11.63 -8.96 19.18
CA ASP C 75 11.92 -8.61 20.58
C ASP C 75 12.78 -7.35 20.65
N ALA C 76 12.98 -6.86 21.87
CA ALA C 76 13.73 -5.66 22.12
C ALA C 76 15.22 -5.74 21.69
N ARG C 77 15.81 -6.94 21.76
CA ARG C 77 17.19 -7.08 21.36
C ARG C 77 17.34 -6.84 19.85
N GLN C 78 16.42 -7.39 19.05
CA GLN C 78 16.50 -7.15 17.62
C GLN C 78 16.22 -5.71 17.31
N ALA C 79 15.28 -5.10 18.02
CA ALA C 79 14.98 -3.70 17.77
C ALA C 79 16.22 -2.82 18.04
N VAL C 80 16.93 -3.09 19.14
CA VAL C 80 18.14 -2.28 19.44
C VAL C 80 19.20 -2.42 18.33
N GLN C 81 19.38 -3.63 17.80
CA GLN C 81 20.35 -3.79 16.72
C GLN C 81 19.92 -2.97 15.51
N MET C 82 18.63 -2.98 15.21
CA MET C 82 18.11 -2.23 14.08
C MET C 82 18.30 -0.72 14.26
N PHE C 83 17.90 -0.20 15.41
CA PHE C 83 17.99 1.25 15.62
C PHE C 83 19.36 1.78 16.01
N GLY C 84 20.19 0.87 16.47
CA GLY C 84 21.52 1.22 16.92
C GLY C 84 22.60 1.04 15.84
N PRO C 85 23.36 -0.05 15.89
CA PRO C 85 24.40 -0.25 14.87
C PRO C 85 23.99 -0.27 13.41
N ALA C 86 22.87 -0.92 13.10
CA ALA C 86 22.48 -0.95 11.71
C ALA C 86 22.11 0.42 11.24
N GLN C 87 21.26 1.12 11.97
CA GLN C 87 20.93 2.46 11.54
C GLN C 87 22.22 3.35 11.37
N HIS C 88 23.14 3.27 12.33
CA HIS C 88 24.32 4.14 12.23
C HIS C 88 25.15 3.78 10.97
N GLY C 89 25.31 2.50 10.71
CA GLY C 89 26.04 2.08 9.52
C GLY C 89 25.38 2.56 8.24
N VAL C 90 24.05 2.40 8.16
CA VAL C 90 23.34 2.84 6.96
C VAL C 90 23.47 4.36 6.78
N ALA C 91 23.25 5.12 7.85
CA ALA C 91 23.31 6.59 7.76
C ALA C 91 24.72 7.10 7.40
N MET C 92 25.75 6.50 8.00
N MET C 92 25.75 6.48 7.99
CA MET C 92 27.13 6.91 7.68
CA MET C 92 27.13 6.86 7.70
C MET C 92 27.43 6.59 6.21
C MET C 92 27.44 6.57 6.22
N ALA C 93 26.94 5.45 5.74
CA ALA C 93 27.16 5.04 4.34
C ALA C 93 26.59 6.09 3.40
N VAL C 94 25.37 6.56 3.68
CA VAL C 94 24.76 7.55 2.81
C VAL C 94 25.56 8.86 2.85
N GLN C 95 25.92 9.32 4.05
CA GLN C 95 26.69 10.58 4.12
C GLN C 95 28.09 10.41 3.48
N ASP C 96 28.76 9.29 3.72
CA ASP C 96 30.08 9.07 3.10
C ASP C 96 29.95 8.99 1.59
N ALA C 97 28.85 8.41 1.08
CA ALA C 97 28.70 8.32 -0.40
C ALA C 97 28.68 9.74 -0.96
N VAL C 98 28.06 10.64 -0.21
CA VAL C 98 28.04 12.02 -0.69
C VAL C 98 29.50 12.63 -0.64
N ALA C 99 30.19 12.40 0.48
CA ALA C 99 31.55 12.94 0.65
C ALA C 99 32.54 12.38 -0.39
N GLU C 100 32.37 11.10 -0.73
CA GLU C 100 33.25 10.42 -1.69
C GLU C 100 32.88 10.60 -3.15
N GLY C 101 31.91 11.46 -3.39
CA GLY C 101 31.49 11.74 -4.76
C GLY C 101 30.67 10.62 -5.43
N ILE C 102 30.12 9.69 -4.66
CA ILE C 102 29.28 8.61 -5.24
C ILE C 102 27.91 9.25 -5.52
N ILE C 103 27.41 10.07 -4.59
CA ILE C 103 26.17 10.82 -4.82
C ILE C 103 26.63 12.30 -4.91
N PRO C 104 26.27 13.00 -5.98
CA PRO C 104 26.62 14.42 -6.20
C PRO C 104 26.08 15.30 -5.09
N ALA C 105 26.96 16.08 -4.48
CA ALA C 105 26.58 16.95 -3.39
C ALA C 105 25.43 17.88 -3.75
N ASP C 106 25.46 18.40 -4.97
CA ASP C 106 24.41 19.32 -5.36
C ASP C 106 23.06 18.64 -5.63
N GLU C 107 22.96 17.32 -5.51
CA GLU C 107 21.66 16.64 -5.70
C GLU C 107 21.17 16.06 -4.37
N ALA C 108 22.02 16.11 -3.35
CA ALA C 108 21.73 15.50 -2.07
C ALA C 108 20.45 15.94 -1.38
N ASP C 109 20.01 17.18 -1.59
CA ASP C 109 18.79 17.66 -0.97
C ASP C 109 17.56 17.33 -1.84
N ASP C 110 17.77 16.68 -2.97
CA ASP C 110 16.64 16.36 -3.84
C ASP C 110 16.49 14.87 -4.16
N LEU C 111 17.12 14.03 -3.39
CA LEU C 111 17.04 12.59 -3.64
C LEU C 111 16.40 11.88 -2.43
N TYR C 112 15.96 10.65 -2.66
CA TYR C 112 15.38 9.83 -1.61
C TYR C 112 16.08 8.48 -1.73
N VAL C 113 16.46 7.93 -0.58
CA VAL C 113 17.07 6.64 -0.56
C VAL C 113 16.18 5.72 0.29
N LEU C 114 15.95 4.50 -0.19
CA LEU C 114 15.16 3.51 0.56
C LEU C 114 16.09 2.36 0.77
N VAL C 115 16.34 2.01 2.03
CA VAL C 115 17.29 0.94 2.34
C VAL C 115 16.67 -0.22 3.13
N GLY C 116 16.58 -1.39 2.52
CA GLY C 116 16.06 -2.55 3.21
C GLY C 116 17.22 -3.36 3.82
N VAL C 117 17.19 -3.59 5.14
CA VAL C 117 18.22 -4.31 5.85
C VAL C 117 17.70 -5.66 6.35
N PHE C 118 18.60 -6.63 6.39
N PHE C 118 18.58 -6.66 6.36
CA PHE C 118 18.30 -7.97 6.81
CA PHE C 118 18.26 -8.05 6.75
C PHE C 118 19.17 -8.34 7.97
C PHE C 118 19.12 -8.45 7.96
N ILE C 119 18.71 -8.09 9.18
CA ILE C 119 19.55 -8.45 10.33
C ILE C 119 19.13 -9.82 10.87
N HIS C 120 20.01 -10.81 10.80
CA HIS C 120 19.70 -12.14 11.31
C HIS C 120 19.48 -11.98 12.81
N TRP C 121 18.52 -12.69 13.39
CA TRP C 121 18.36 -12.48 14.83
C TRP C 121 19.59 -13.00 15.59
N GLU C 122 20.30 -13.98 15.03
CA GLU C 122 21.53 -14.51 15.69
C GLU C 122 22.69 -13.51 15.74
N ALA C 123 22.59 -12.41 14.98
CA ALA C 123 23.63 -11.38 14.96
C ALA C 123 23.86 -10.92 16.39
N ALA C 124 25.13 -10.85 16.79
CA ALA C 124 25.46 -10.48 18.15
C ALA C 124 26.55 -9.42 18.37
N ASP C 125 27.49 -9.30 17.44
CA ASP C 125 28.59 -8.34 17.55
C ASP C 125 28.16 -7.01 16.92
N ASP C 126 27.87 -6.01 17.76
CA ASP C 126 27.43 -4.72 17.24
C ASP C 126 28.39 -4.03 16.29
N ALA C 127 29.70 -4.18 16.52
CA ALA C 127 30.63 -3.49 15.63
C ALA C 127 30.56 -4.09 14.22
N LYS C 128 30.39 -5.41 14.12
CA LYS C 128 30.27 -6.01 12.82
C LYS C 128 28.92 -5.69 12.16
N ILE C 129 27.84 -5.59 12.96
CA ILE C 129 26.55 -5.27 12.37
C ILE C 129 26.69 -3.89 11.72
N GLN C 130 27.29 -2.96 12.44
CA GLN C 130 27.43 -1.64 11.93
C GLN C 130 28.38 -1.59 10.70
N LYS C 131 29.51 -2.25 10.80
CA LYS C 131 30.48 -2.23 9.71
C LYS C 131 29.94 -2.89 8.43
N TYR C 132 29.36 -4.08 8.54
CA TYR C 132 28.86 -4.74 7.33
C TYR C 132 27.70 -4.02 6.70
N ASN C 133 26.82 -3.44 7.53
CA ASN C 133 25.71 -2.71 6.95
C ASN C 133 26.21 -1.42 6.31
N TYR C 134 27.22 -0.82 6.92
CA TYR C 134 27.79 0.39 6.30
C TYR C 134 28.38 0.01 4.92
N GLU C 135 29.16 -1.06 4.91
N GLU C 135 29.19 -1.04 4.87
CA GLU C 135 29.82 -1.51 3.68
CA GLU C 135 29.79 -1.39 3.59
C GLU C 135 28.83 -1.92 2.59
C GLU C 135 28.75 -1.85 2.56
N ALA C 136 27.83 -2.72 2.96
CA ALA C 136 26.81 -3.19 1.98
C ALA C 136 25.97 -2.01 1.47
N THR C 137 25.68 -1.05 2.35
CA THR C 137 24.87 0.10 1.93
C THR C 137 25.63 1.00 0.96
N LYS C 138 26.88 1.31 1.28
CA LYS C 138 27.65 2.18 0.37
C LYS C 138 27.86 1.47 -0.97
N LEU C 139 28.11 0.18 -0.93
CA LEU C 139 28.32 -0.55 -2.18
C LEU C 139 27.00 -0.57 -2.99
N SER C 140 25.86 -0.73 -2.31
CA SER C 140 24.55 -0.74 -3.02
C SER C 140 24.25 0.62 -3.62
N ILE C 141 24.63 1.70 -2.93
CA ILE C 141 24.40 3.03 -3.49
C ILE C 141 25.30 3.23 -4.73
N GLN C 142 26.54 2.78 -4.61
CA GLN C 142 27.51 2.93 -5.73
C GLN C 142 27.00 2.14 -6.93
N ARG C 143 26.50 0.92 -6.71
CA ARG C 143 25.94 0.13 -7.81
C ARG C 143 24.69 0.76 -8.39
N ALA C 144 23.75 1.16 -7.53
CA ALA C 144 22.51 1.77 -8.00
C ALA C 144 22.76 3.02 -8.83
N VAL C 145 23.55 3.95 -8.29
CA VAL C 145 23.75 5.20 -9.00
C VAL C 145 24.34 5.00 -10.40
N ASN C 146 25.11 3.93 -10.59
CA ASN C 146 25.72 3.67 -11.89
C ASN C 146 25.00 2.60 -12.72
N GLY C 147 23.82 2.17 -12.26
CA GLY C 147 23.07 1.16 -12.99
C GLY C 147 23.75 -0.20 -13.03
N GLU C 148 24.58 -0.53 -12.06
N GLU C 148 24.52 -0.53 -12.01
CA GLU C 148 25.23 -1.84 -12.10
CA GLU C 148 25.23 -1.81 -11.96
C GLU C 148 24.48 -2.84 -11.24
C GLU C 148 24.47 -2.86 -11.17
N PRO C 149 24.51 -4.13 -11.63
CA PRO C 149 25.19 -4.62 -12.83
C PRO C 149 24.37 -4.35 -14.07
N LYS C 150 25.04 -4.06 -15.18
CA LYS C 150 24.36 -3.82 -16.45
C LYS C 150 23.86 -5.17 -16.95
N ALA C 151 22.72 -5.20 -17.60
CA ALA C 151 22.15 -6.47 -18.10
C ALA C 151 23.15 -7.28 -18.94
N SER C 152 23.85 -6.60 -19.86
CA SER C 152 24.84 -7.30 -20.69
C SER C 152 25.89 -8.00 -19.82
N VAL C 153 26.34 -7.32 -18.77
CA VAL C 153 27.30 -7.93 -17.86
C VAL C 153 26.75 -9.17 -17.11
N VAL C 154 25.54 -9.09 -16.58
CA VAL C 154 25.00 -10.26 -15.89
C VAL C 154 24.77 -11.37 -16.91
N THR C 155 24.30 -10.99 -18.11
CA THR C 155 24.04 -11.99 -19.14
C THR C 155 25.34 -12.71 -19.47
N GLU C 156 26.44 -11.96 -19.54
CA GLU C 156 27.73 -12.57 -19.86
C GLU C 156 28.19 -13.45 -18.74
N GLN C 157 27.88 -13.08 -17.51
CA GLN C 157 28.28 -13.91 -16.37
C GLN C 157 27.25 -15.04 -16.16
N ARG C 158 26.36 -15.19 -17.14
CA ARG C 158 25.29 -16.21 -17.14
C ARG C 158 25.11 -16.71 -18.59
N ALA D 1 10.29 -9.87 -27.63
CA ALA D 1 9.54 -8.70 -28.22
C ALA D 1 9.78 -7.39 -27.44
N LYS D 2 9.42 -6.23 -28.03
CA LYS D 2 9.60 -4.90 -27.39
C LYS D 2 8.51 -4.58 -26.35
N ILE D 3 8.94 -4.19 -25.16
CA ILE D 3 8.03 -3.95 -24.06
C ILE D 3 7.82 -2.49 -23.72
N THR D 4 6.74 -1.91 -24.22
CA THR D 4 6.49 -0.48 -24.00
C THR D 4 5.36 -0.20 -23.03
N LYS D 5 4.77 -1.25 -22.49
CA LYS D 5 3.69 -1.07 -21.53
C LYS D 5 3.62 -2.24 -20.59
N VAL D 6 2.74 -2.16 -19.61
CA VAL D 6 2.60 -3.25 -18.66
C VAL D 6 2.04 -4.47 -19.36
N GLN D 7 2.68 -5.62 -19.15
CA GLN D 7 2.21 -6.89 -19.73
C GLN D 7 2.12 -7.89 -18.58
N VAL D 8 1.16 -8.80 -18.65
CA VAL D 8 0.91 -9.79 -17.58
C VAL D 8 1.00 -11.21 -18.16
N GLY D 9 1.67 -12.12 -17.47
CA GLY D 9 1.75 -13.48 -17.93
C GLY D 9 1.57 -14.39 -16.74
N GLU D 10 1.31 -15.65 -17.00
CA GLU D 10 1.16 -16.63 -15.92
C GLU D 10 1.38 -18.02 -16.50
N ALA D 11 1.71 -18.97 -15.64
CA ALA D 11 1.95 -20.34 -16.08
C ALA D 11 1.93 -21.30 -14.90
N LEU D 12 1.59 -22.55 -15.19
CA LEU D 12 1.57 -23.61 -14.21
C LEU D 12 2.42 -24.71 -14.87
N VAL D 13 3.50 -25.10 -14.22
CA VAL D 13 4.41 -26.08 -14.81
C VAL D 13 4.91 -27.06 -13.77
N GLY D 14 4.95 -28.35 -14.17
CA GLY D 14 5.47 -29.37 -13.26
C GLY D 14 4.45 -30.35 -12.76
N ASP D 15 4.86 -31.19 -11.82
CA ASP D 15 3.96 -32.20 -11.30
C ASP D 15 4.25 -32.43 -9.84
N GLY D 16 3.42 -33.26 -9.21
CA GLY D 16 3.63 -33.54 -7.81
C GLY D 16 3.54 -32.29 -6.93
N ASN D 17 4.18 -32.37 -5.77
CA ASN D 17 4.18 -31.29 -4.79
C ASN D 17 5.01 -30.08 -5.16
N GLU D 18 5.94 -30.25 -6.09
CA GLU D 18 6.80 -29.14 -6.46
C GLU D 18 6.25 -28.34 -7.63
N VAL D 19 5.03 -28.66 -8.07
CA VAL D 19 4.44 -27.94 -9.19
C VAL D 19 4.54 -26.41 -8.93
N ALA D 20 4.94 -25.68 -9.95
CA ALA D 20 5.12 -24.23 -9.85
C ALA D 20 4.03 -23.43 -10.54
N HIS D 21 3.46 -22.46 -9.83
CA HIS D 21 2.44 -21.57 -10.39
C HIS D 21 3.02 -20.16 -10.31
N ILE D 22 3.22 -19.49 -11.44
CA ILE D 22 3.80 -18.15 -11.46
C ILE D 22 2.85 -17.10 -12.01
N ASP D 23 2.70 -15.97 -11.30
CA ASP D 23 1.92 -14.84 -11.78
C ASP D 23 3.00 -13.78 -12.02
N LEU D 24 2.98 -13.16 -13.19
CA LEU D 24 4.04 -12.22 -13.54
C LEU D 24 3.60 -10.96 -14.24
N ILE D 25 4.26 -9.87 -13.87
CA ILE D 25 3.98 -8.60 -14.50
C ILE D 25 5.33 -8.04 -14.93
N ILE D 26 5.40 -7.48 -16.12
CA ILE D 26 6.63 -6.84 -16.57
C ILE D 26 6.23 -5.52 -17.16
N GLY D 27 7.02 -4.46 -16.90
CA GLY D 27 6.69 -3.15 -17.45
C GLY D 27 7.88 -2.20 -17.44
N PRO D 28 7.81 -1.09 -18.20
CA PRO D 28 8.90 -0.11 -18.28
C PRO D 28 8.88 0.97 -17.22
N ARG D 29 9.95 1.76 -17.22
CA ARG D 29 10.08 2.92 -16.35
C ARG D 29 8.87 3.79 -16.61
N GLY D 30 8.37 4.43 -15.58
CA GLY D 30 7.21 5.29 -15.75
C GLY D 30 5.89 4.52 -15.79
N SER D 31 5.90 3.21 -15.68
CA SER D 31 4.63 2.46 -15.72
C SER D 31 4.30 1.97 -14.31
N PRO D 32 3.07 1.46 -14.09
N PRO D 32 3.07 1.45 -14.10
CA PRO D 32 2.72 0.96 -12.75
CA PRO D 32 2.68 0.93 -12.80
C PRO D 32 3.56 -0.21 -12.33
C PRO D 32 3.53 -0.23 -12.34
N ALA D 33 4.23 -0.88 -13.27
CA ALA D 33 5.10 -1.98 -12.91
C ALA D 33 6.24 -1.45 -12.01
N GLU D 34 6.76 -0.27 -12.36
CA GLU D 34 7.84 0.35 -11.61
C GLU D 34 7.38 0.79 -10.21
N THR D 35 6.20 1.41 -10.13
N THR D 35 6.20 1.39 -10.15
CA THR D 35 5.72 1.86 -8.82
CA THR D 35 5.68 1.86 -8.87
C THR D 35 5.43 0.66 -7.93
C THR D 35 5.39 0.68 -7.95
N ALA D 36 4.80 -0.38 -8.48
CA ALA D 36 4.49 -1.56 -7.65
C ALA D 36 5.80 -2.27 -7.25
N PHE D 37 6.82 -2.21 -8.10
CA PHE D 37 8.12 -2.78 -7.75
C PHE D 37 8.70 -2.09 -6.47
N CYS D 38 8.73 -0.76 -6.49
CA CYS D 38 9.26 0.06 -5.37
C CYS D 38 8.46 -0.15 -4.09
N ASN D 39 7.16 -0.01 -4.18
CA ASN D 39 6.32 -0.23 -2.98
C ASN D 39 6.42 -1.66 -2.52
N GLY D 40 6.51 -2.59 -3.48
CA GLY D 40 6.56 -3.99 -3.09
C GLY D 40 7.84 -4.38 -2.37
N LEU D 41 8.97 -3.77 -2.74
CA LEU D 41 10.23 -4.09 -2.07
C LEU D 41 10.18 -3.52 -0.61
N VAL D 42 9.54 -2.38 -0.47
CA VAL D 42 9.47 -1.70 0.83
C VAL D 42 8.47 -2.28 1.86
N ASN D 43 7.33 -2.73 1.37
CA ASN D 43 6.22 -3.20 2.22
C ASN D 43 6.20 -4.71 2.47
N ASN D 44 6.75 -5.17 3.59
CA ASN D 44 6.72 -6.60 3.91
C ASN D 44 5.95 -6.86 5.23
N LYS D 45 5.56 -8.12 5.47
CA LYS D 45 4.77 -8.47 6.67
C LYS D 45 5.14 -9.83 7.14
N HIS D 46 4.63 -10.21 8.31
N HIS D 46 4.64 -10.21 8.31
CA HIS D 46 4.89 -11.52 8.86
CA HIS D 46 4.93 -11.52 8.86
C HIS D 46 4.49 -12.58 7.83
C HIS D 46 4.50 -12.57 7.84
N GLY D 47 5.42 -13.48 7.50
CA GLY D 47 5.11 -14.55 6.55
C GLY D 47 5.07 -14.21 5.07
N PHE D 48 5.16 -12.93 4.74
CA PHE D 48 5.07 -12.45 3.34
C PHE D 48 6.19 -11.50 3.00
N THR D 49 7.15 -12.05 2.29
CA THR D 49 8.33 -11.29 1.95
C THR D 49 8.40 -10.93 0.48
N SER D 50 9.43 -10.16 0.15
CA SER D 50 9.68 -9.83 -1.22
C SER D 50 11.19 -9.66 -1.30
N LEU D 51 11.78 -10.09 -2.40
N LEU D 51 11.75 -10.07 -2.42
CA LEU D 51 13.21 -9.87 -2.54
CA LEU D 51 13.19 -9.98 -2.59
C LEU D 51 13.59 -9.49 -3.94
C LEU D 51 13.59 -9.51 -3.97
N LEU D 52 14.77 -8.90 -4.05
CA LEU D 52 15.32 -8.46 -5.31
C LEU D 52 16.03 -9.75 -5.72
N ALA D 53 15.53 -10.40 -6.77
CA ALA D 53 16.09 -11.70 -7.17
C ALA D 53 17.52 -11.68 -7.71
N VAL D 54 18.35 -12.63 -7.26
CA VAL D 54 19.73 -12.66 -7.75
C VAL D 54 20.08 -14.00 -8.31
N ILE D 55 20.97 -14.03 -9.30
CA ILE D 55 21.40 -15.33 -9.84
C ILE D 55 22.58 -15.85 -9.04
N ALA D 56 23.26 -14.97 -8.32
CA ALA D 56 24.40 -15.35 -7.48
C ALA D 56 24.61 -14.24 -6.45
N PRO D 57 25.33 -14.54 -5.35
CA PRO D 57 25.56 -13.51 -4.33
C PRO D 57 26.16 -12.29 -5.05
N ASN D 58 25.65 -11.12 -4.70
CA ASN D 58 26.12 -9.89 -5.30
C ASN D 58 25.91 -9.81 -6.79
N LEU D 59 24.97 -10.58 -7.34
CA LEU D 59 24.71 -10.51 -8.77
C LEU D 59 23.21 -10.63 -9.10
N PRO D 60 22.47 -9.52 -9.01
CA PRO D 60 21.04 -9.61 -9.32
C PRO D 60 20.81 -9.80 -10.77
N CYS D 61 19.66 -10.38 -11.10
CA CYS D 61 19.34 -10.53 -12.52
C CYS D 61 18.81 -9.17 -12.98
N LYS D 62 18.92 -8.89 -14.27
CA LYS D 62 18.43 -7.67 -14.89
C LYS D 62 17.62 -8.20 -16.09
N PRO D 63 16.44 -7.62 -16.33
CA PRO D 63 15.85 -6.53 -15.55
C PRO D 63 15.58 -6.80 -14.06
N ASN D 64 15.55 -5.71 -13.29
CA ASN D 64 15.23 -5.72 -11.87
C ASN D 64 13.98 -6.59 -11.67
N THR D 65 14.10 -7.56 -10.78
CA THR D 65 13.02 -8.49 -10.51
C THR D 65 12.69 -8.58 -9.02
N LEU D 66 11.43 -8.31 -8.71
CA LEU D 66 10.90 -8.41 -7.35
C LEU D 66 10.09 -9.72 -7.31
N MET D 67 10.53 -10.64 -6.47
CA MET D 67 9.87 -11.94 -6.34
C MET D 67 9.18 -11.92 -4.97
N PHE D 68 7.95 -12.42 -4.84
CA PHE D 68 7.24 -12.46 -3.56
C PHE D 68 6.45 -13.74 -3.47
N ASN D 69 6.32 -14.27 -2.26
CA ASN D 69 5.61 -15.52 -2.03
C ASN D 69 4.10 -15.30 -1.90
N LYS D 70 3.33 -16.30 -2.40
CA LYS D 70 1.88 -16.33 -2.32
C LYS D 70 1.45 -17.25 -1.19
N VAL D 71 2.29 -18.21 -0.83
CA VAL D 71 1.93 -19.13 0.27
C VAL D 71 2.71 -18.65 1.50
N THR D 72 2.02 -18.54 2.63
CA THR D 72 2.65 -18.08 3.87
C THR D 72 3.92 -18.85 4.23
N ILE D 73 4.96 -18.12 4.59
CA ILE D 73 6.19 -18.76 5.00
C ILE D 73 6.08 -18.89 6.52
N ASN D 74 5.90 -20.12 6.99
CA ASN D 74 5.75 -20.36 8.42
C ASN D 74 6.99 -20.89 9.09
N ASP D 75 7.95 -21.42 8.34
CA ASP D 75 9.12 -21.91 9.00
C ASP D 75 10.34 -21.81 8.13
N ALA D 76 11.49 -22.14 8.71
CA ALA D 76 12.76 -22.04 8.03
C ALA D 76 12.80 -22.85 6.75
N ARG D 77 12.22 -24.04 6.80
CA ARG D 77 12.19 -24.88 5.60
C ARG D 77 11.60 -24.11 4.41
N GLN D 78 10.48 -23.44 4.63
CA GLN D 78 9.83 -22.73 3.54
C GLN D 78 10.62 -21.49 3.14
N ALA D 79 11.24 -20.80 4.10
CA ALA D 79 12.04 -19.61 3.75
C ALA D 79 13.22 -20.05 2.87
N VAL D 80 13.85 -21.17 3.23
CA VAL D 80 14.96 -21.66 2.44
C VAL D 80 14.50 -22.04 1.03
N GLN D 81 13.35 -22.70 0.90
CA GLN D 81 12.86 -23.04 -0.44
C GLN D 81 12.63 -21.79 -1.30
N MET D 82 12.10 -20.74 -0.68
CA MET D 82 11.84 -19.48 -1.38
C MET D 82 13.16 -18.81 -1.82
N PHE D 83 14.09 -18.66 -0.88
CA PHE D 83 15.35 -18.01 -1.13
C PHE D 83 16.40 -18.80 -1.89
N GLY D 84 16.30 -20.12 -1.83
CA GLY D 84 17.29 -20.98 -2.50
C GLY D 84 16.84 -21.40 -3.89
N PRO D 85 16.22 -22.58 -4.03
CA PRO D 85 15.77 -23.05 -5.35
C PRO D 85 14.79 -22.17 -6.15
N ALA D 86 13.73 -21.65 -5.53
CA ALA D 86 12.78 -20.83 -6.27
C ALA D 86 13.44 -19.57 -6.77
N GLN D 87 14.17 -18.88 -5.90
CA GLN D 87 14.82 -17.64 -6.30
C GLN D 87 15.79 -17.91 -7.46
N HIS D 88 16.60 -18.96 -7.34
CA HIS D 88 17.57 -19.23 -8.41
C HIS D 88 16.84 -19.56 -9.72
N GLY D 89 15.77 -20.33 -9.63
CA GLY D 89 15.02 -20.68 -10.83
C GLY D 89 14.44 -19.44 -11.48
N VAL D 90 13.84 -18.58 -10.66
CA VAL D 90 13.25 -17.35 -11.17
C VAL D 90 14.30 -16.45 -11.80
N ALA D 91 15.41 -16.27 -11.09
CA ALA D 91 16.46 -15.37 -11.57
C ALA D 91 17.09 -15.87 -12.89
N MET D 92 17.33 -17.18 -12.95
N MET D 92 17.36 -17.17 -12.96
CA MET D 92 17.90 -17.80 -14.15
CA MET D 92 17.94 -17.69 -14.20
C MET D 92 16.95 -17.57 -15.31
C MET D 92 16.94 -17.56 -15.34
N ALA D 93 15.66 -17.72 -15.06
CA ALA D 93 14.67 -17.58 -16.14
C ALA D 93 14.67 -16.14 -16.66
N VAL D 94 14.73 -15.15 -15.77
CA VAL D 94 14.77 -13.79 -16.25
C VAL D 94 16.02 -13.55 -17.11
N GLN D 95 17.17 -14.00 -16.61
CA GLN D 95 18.41 -13.75 -17.31
C GLN D 95 18.46 -14.47 -18.64
N ASP D 96 17.95 -15.70 -18.66
CA ASP D 96 17.91 -16.47 -19.90
C ASP D 96 16.95 -15.80 -20.88
N ALA D 97 15.85 -15.23 -20.39
CA ALA D 97 14.92 -14.53 -21.28
C ALA D 97 15.65 -13.40 -21.98
N VAL D 98 16.58 -12.75 -21.26
CA VAL D 98 17.35 -11.66 -21.85
C VAL D 98 18.40 -12.26 -22.81
N ALA D 99 19.09 -13.32 -22.41
CA ALA D 99 20.09 -13.93 -23.29
C ALA D 99 19.45 -14.40 -24.59
N GLU D 100 18.20 -14.83 -24.51
CA GLU D 100 17.52 -15.30 -25.70
C GLU D 100 16.83 -14.22 -26.53
N GLY D 101 16.85 -12.98 -26.08
CA GLY D 101 16.19 -11.95 -26.87
C GLY D 101 14.69 -11.82 -26.60
N ILE D 102 14.12 -12.71 -25.79
CA ILE D 102 12.69 -12.58 -25.43
C ILE D 102 12.51 -11.19 -24.76
N ILE D 103 13.42 -10.84 -23.86
CA ILE D 103 13.38 -9.48 -23.29
C ILE D 103 14.56 -8.86 -24.00
N PRO D 104 14.34 -7.84 -24.84
CA PRO D 104 15.54 -7.31 -25.50
C PRO D 104 16.63 -6.70 -24.61
N ALA D 105 17.88 -7.07 -24.92
CA ALA D 105 19.04 -6.61 -24.17
C ALA D 105 19.08 -5.09 -24.08
N ASP D 106 18.62 -4.39 -25.11
CA ASP D 106 18.65 -2.94 -25.04
C ASP D 106 17.51 -2.29 -24.24
N GLU D 107 16.67 -3.11 -23.64
CA GLU D 107 15.56 -2.64 -22.81
C GLU D 107 15.71 -3.17 -21.38
N ALA D 108 16.50 -4.23 -21.22
CA ALA D 108 16.65 -4.87 -19.91
C ALA D 108 17.01 -3.95 -18.75
N ASP D 109 17.77 -2.90 -19.02
CA ASP D 109 18.12 -2.02 -17.93
C ASP D 109 17.01 -1.06 -17.59
N ASP D 110 15.91 -1.10 -18.35
CA ASP D 110 14.83 -0.16 -18.04
C ASP D 110 13.47 -0.83 -17.82
N LEU D 111 13.47 -2.08 -17.40
CA LEU D 111 12.20 -2.76 -17.15
C LEU D 111 12.15 -3.25 -15.70
N TYR D 112 10.95 -3.60 -15.25
CA TYR D 112 10.75 -4.14 -13.91
C TYR D 112 9.90 -5.39 -14.09
N VAL D 113 10.24 -6.44 -13.35
CA VAL D 113 9.54 -7.70 -13.39
C VAL D 113 9.04 -7.99 -11.95
N LEU D 114 7.77 -8.33 -11.84
CA LEU D 114 7.14 -8.65 -10.54
C LEU D 114 6.76 -10.13 -10.68
N VAL D 115 7.24 -10.96 -9.76
CA VAL D 115 6.98 -12.41 -9.85
C VAL D 115 6.37 -12.99 -8.58
N GLY D 116 5.12 -13.43 -8.64
CA GLY D 116 4.48 -14.06 -7.49
C GLY D 116 4.71 -15.57 -7.62
N VAL D 117 5.33 -16.16 -6.60
CA VAL D 117 5.69 -17.58 -6.57
C VAL D 117 4.78 -18.34 -5.56
N PHE D 118 4.24 -19.48 -5.98
CA PHE D 118 3.32 -20.25 -5.12
C PHE D 118 3.97 -21.59 -4.85
N ILE D 119 4.56 -21.74 -3.66
CA ILE D 119 5.19 -22.99 -3.30
C ILE D 119 4.33 -23.77 -2.28
N HIS D 120 3.72 -24.87 -2.71
CA HIS D 120 2.90 -25.71 -1.85
C HIS D 120 3.72 -26.19 -0.63
N TRP D 121 3.04 -26.30 0.50
CA TRP D 121 3.62 -26.82 1.74
C TRP D 121 4.23 -28.22 1.45
N GLU D 122 3.57 -29.00 0.61
CA GLU D 122 4.08 -30.33 0.30
C GLU D 122 5.41 -30.39 -0.47
N ALA D 123 5.82 -29.29 -1.15
CA ALA D 123 7.05 -29.30 -1.94
C ALA D 123 8.23 -29.79 -1.12
N ALA D 124 9.06 -30.65 -1.69
CA ALA D 124 10.21 -31.19 -0.97
C ALA D 124 11.46 -31.39 -1.81
N ASP D 125 11.30 -31.65 -3.11
CA ASP D 125 12.47 -31.87 -3.98
C ASP D 125 13.00 -30.55 -4.54
N ASP D 126 14.13 -30.08 -3.99
CA ASP D 126 14.69 -28.81 -4.40
C ASP D 126 15.03 -28.69 -5.88
N ALA D 127 15.54 -29.75 -6.50
CA ALA D 127 15.91 -29.64 -7.90
C ALA D 127 14.63 -29.37 -8.71
N LYS D 128 13.52 -30.00 -8.31
CA LYS D 128 12.23 -29.80 -9.02
C LYS D 128 11.67 -28.40 -8.74
N ILE D 129 11.73 -27.95 -7.48
CA ILE D 129 11.27 -26.59 -7.18
C ILE D 129 12.03 -25.62 -8.11
N GLN D 130 13.35 -25.77 -8.15
CA GLN D 130 14.13 -24.84 -8.99
C GLN D 130 13.78 -25.00 -10.47
N LYS D 131 13.69 -26.24 -10.94
CA LYS D 131 13.39 -26.47 -12.34
C LYS D 131 12.04 -25.94 -12.77
N TYR D 132 11.01 -26.30 -12.02
CA TYR D 132 9.66 -25.86 -12.38
C TYR D 132 9.46 -24.37 -12.25
N ASN D 133 10.07 -23.76 -11.24
CA ASN D 133 9.91 -22.32 -11.17
C ASN D 133 10.68 -21.67 -12.32
N TYR D 134 11.82 -22.24 -12.71
CA TYR D 134 12.53 -21.67 -13.86
C TYR D 134 11.61 -21.74 -15.11
N GLU D 135 11.04 -22.92 -15.34
CA GLU D 135 10.20 -23.10 -16.53
C GLU D 135 8.93 -22.25 -16.51
N ALA D 136 8.23 -22.24 -15.39
CA ALA D 136 7.01 -21.45 -15.31
C ALA D 136 7.32 -19.93 -15.46
N THR D 137 8.44 -19.47 -14.89
CA THR D 137 8.80 -18.04 -15.01
C THR D 137 9.15 -17.75 -16.49
N LYS D 138 9.93 -18.64 -17.11
CA LYS D 138 10.33 -18.44 -18.51
C LYS D 138 9.09 -18.37 -19.37
N LEU D 139 8.19 -19.31 -19.13
CA LEU D 139 6.94 -19.37 -19.90
C LEU D 139 6.07 -18.12 -19.62
N SER D 140 6.04 -17.66 -18.37
CA SER D 140 5.23 -16.48 -18.09
C SER D 140 5.80 -15.25 -18.76
N ILE D 141 7.12 -15.16 -18.82
CA ILE D 141 7.75 -14.00 -19.48
C ILE D 141 7.39 -14.00 -20.98
N GLN D 142 7.53 -15.15 -21.64
N GLN D 142 7.51 -15.17 -21.59
CA GLN D 142 7.18 -15.24 -23.06
CA GLN D 142 7.19 -15.40 -23.00
C GLN D 142 5.72 -14.88 -23.31
C GLN D 142 5.76 -14.96 -23.31
N ARG D 143 4.81 -15.42 -22.49
CA ARG D 143 3.42 -15.07 -22.66
C ARG D 143 3.15 -13.60 -22.43
N ALA D 144 3.78 -13.04 -21.40
CA ALA D 144 3.55 -11.61 -21.15
C ALA D 144 4.07 -10.72 -22.30
N VAL D 145 5.29 -10.97 -22.76
CA VAL D 145 5.85 -10.07 -23.77
C VAL D 145 5.14 -10.20 -25.11
N ASN D 146 4.64 -11.39 -25.42
CA ASN D 146 3.88 -11.61 -26.66
C ASN D 146 2.39 -11.33 -26.50
N GLY D 147 1.96 -10.93 -25.33
CA GLY D 147 0.53 -10.69 -25.14
C GLY D 147 -0.34 -11.94 -25.24
N GLU D 148 0.19 -13.12 -24.88
CA GLU D 148 -0.56 -14.37 -24.93
C GLU D 148 -1.16 -14.76 -23.57
N PRO D 149 -2.37 -15.36 -23.56
CA PRO D 149 -3.19 -15.68 -24.73
C PRO D 149 -4.01 -14.46 -25.10
N LYS D 150 -4.24 -14.22 -26.39
CA LYS D 150 -5.06 -13.08 -26.84
C LYS D 150 -6.51 -13.34 -26.35
N ALA D 151 -7.24 -12.29 -26.02
CA ALA D 151 -8.60 -12.48 -25.55
C ALA D 151 -9.44 -13.32 -26.54
N SER D 152 -9.31 -13.05 -27.84
CA SER D 152 -10.09 -13.79 -28.86
C SER D 152 -9.85 -15.30 -28.73
N VAL D 153 -8.61 -15.68 -28.49
CA VAL D 153 -8.28 -17.09 -28.34
C VAL D 153 -8.97 -17.67 -27.08
N VAL D 154 -8.81 -17.01 -25.93
CA VAL D 154 -9.43 -17.51 -24.69
C VAL D 154 -10.97 -17.57 -24.86
N THR D 155 -11.56 -16.54 -25.47
CA THR D 155 -13.00 -16.51 -25.69
C THR D 155 -13.46 -17.74 -26.51
N GLU D 156 -12.74 -18.03 -27.59
CA GLU D 156 -13.09 -19.20 -28.43
C GLU D 156 -13.00 -20.51 -27.66
N GLN D 157 -12.06 -20.61 -26.72
CA GLN D 157 -11.90 -21.83 -25.94
C GLN D 157 -12.50 -21.76 -24.54
N ARG D 158 -13.25 -20.72 -24.20
CA ARG D 158 -13.77 -20.63 -22.83
C ARG D 158 -14.59 -21.85 -22.46
N LYS D 159 -15.24 -22.46 -23.45
CA LYS D 159 -16.03 -23.66 -23.24
C LYS D 159 -15.13 -24.84 -23.60
N SER D 160 -14.07 -24.53 -24.36
CA SER D 160 -13.00 -25.44 -24.83
C SER D 160 -12.96 -25.62 -26.34
N ALA D 161 -12.18 -24.74 -26.99
CA ALA D 161 -11.99 -24.73 -28.45
C ALA D 161 -13.24 -25.12 -29.27
N ALA E 1 -13.52 3.96 -27.65
CA ALA E 1 -13.77 2.74 -26.85
C ALA E 1 -14.93 2.99 -25.90
N LYS E 2 -15.53 1.93 -25.37
CA LYS E 2 -16.61 2.02 -24.41
C LYS E 2 -16.10 2.20 -22.96
N ILE E 3 -15.09 1.46 -22.53
CA ILE E 3 -14.60 1.60 -21.15
C ILE E 3 -13.33 2.45 -21.15
N THR E 4 -13.50 3.74 -20.93
CA THR E 4 -12.37 4.67 -21.02
C THR E 4 -11.94 5.23 -19.68
N LYS E 5 -12.62 4.84 -18.62
N LYS E 5 -12.62 4.83 -18.61
CA LYS E 5 -12.28 5.32 -17.29
CA LYS E 5 -12.28 5.32 -17.29
C LYS E 5 -12.62 4.25 -16.26
C LYS E 5 -12.57 4.23 -16.27
N VAL E 6 -12.21 4.48 -15.02
CA VAL E 6 -12.44 3.54 -13.94
C VAL E 6 -13.91 3.48 -13.64
N GLN E 7 -14.42 2.27 -13.47
N GLN E 7 -14.41 2.26 -13.47
CA GLN E 7 -15.83 2.05 -13.15
CA GLN E 7 -15.82 2.02 -13.17
C GLN E 7 -15.87 0.99 -12.04
C GLN E 7 -15.85 1.00 -12.03
N VAL E 8 -16.86 1.13 -11.17
CA VAL E 8 -17.05 0.28 -10.02
C VAL E 8 -18.42 -0.43 -10.08
N GLY E 9 -18.46 -1.73 -9.85
CA GLY E 9 -19.73 -2.44 -9.91
C GLY E 9 -19.89 -3.26 -8.65
N GLU E 10 -21.11 -3.72 -8.38
CA GLU E 10 -21.38 -4.51 -7.19
C GLU E 10 -22.62 -5.36 -7.46
N ALA E 11 -22.76 -6.48 -6.76
CA ALA E 11 -23.94 -7.34 -6.87
C ALA E 11 -23.98 -8.35 -5.73
N LEU E 12 -25.20 -8.75 -5.37
CA LEU E 12 -25.39 -9.75 -4.35
C LEU E 12 -26.33 -10.76 -5.00
N VAL E 13 -25.87 -11.99 -5.15
CA VAL E 13 -26.68 -13.03 -5.77
C VAL E 13 -26.64 -14.33 -5.00
N GLY E 14 -27.80 -14.97 -4.88
CA GLY E 14 -27.86 -16.28 -4.26
C GLY E 14 -28.56 -16.30 -2.93
N ASP E 15 -28.42 -17.42 -2.23
CA ASP E 15 -29.05 -17.58 -0.93
C ASP E 15 -28.23 -18.52 -0.07
N GLY E 16 -28.64 -18.67 1.18
CA GLY E 16 -27.93 -19.58 2.05
C GLY E 16 -26.51 -19.11 2.31
N ASN E 17 -25.68 -20.03 2.77
CA ASN E 17 -24.32 -19.71 3.10
C ASN E 17 -23.43 -19.46 1.91
N GLU E 18 -23.88 -19.85 0.72
CA GLU E 18 -23.08 -19.68 -0.47
C GLU E 18 -23.36 -18.39 -1.22
N VAL E 19 -24.26 -17.57 -0.67
CA VAL E 19 -24.63 -16.33 -1.31
C VAL E 19 -23.34 -15.57 -1.68
N ALA E 20 -23.33 -14.96 -2.88
CA ALA E 20 -22.14 -14.27 -3.39
C ALA E 20 -22.31 -12.78 -3.44
N HIS E 21 -21.39 -12.07 -2.81
CA HIS E 21 -21.40 -10.61 -2.81
C HIS E 21 -20.11 -10.29 -3.57
N ILE E 22 -20.17 -9.41 -4.57
CA ILE E 22 -19.00 -9.10 -5.34
C ILE E 22 -18.80 -7.60 -5.39
N ASP E 23 -17.54 -7.14 -5.21
CA ASP E 23 -17.18 -5.71 -5.34
C ASP E 23 -16.21 -5.81 -6.52
N LEU E 24 -16.38 -4.89 -7.48
CA LEU E 24 -15.62 -4.96 -8.71
C LEU E 24 -15.17 -3.63 -9.24
N ILE E 25 -13.97 -3.61 -9.80
CA ILE E 25 -13.45 -2.41 -10.42
C ILE E 25 -12.96 -2.81 -11.80
N ILE E 26 -13.23 -1.99 -12.82
CA ILE E 26 -12.71 -2.33 -14.15
C ILE E 26 -12.20 -1.00 -14.70
N GLY E 27 -11.09 -1.05 -15.44
CA GLY E 27 -10.55 0.20 -15.95
C GLY E 27 -9.50 -0.08 -16.99
N PRO E 28 -9.21 0.90 -17.83
CA PRO E 28 -8.21 0.68 -18.87
C PRO E 28 -6.75 0.98 -18.45
N ARG E 29 -5.83 0.71 -19.38
CA ARG E 29 -4.41 1.00 -19.21
C ARG E 29 -4.29 2.47 -18.85
N GLY E 30 -3.34 2.80 -17.97
CA GLY E 30 -3.16 4.19 -17.58
C GLY E 30 -4.15 4.67 -16.54
N SER E 31 -5.06 3.83 -16.08
CA SER E 31 -5.98 4.30 -15.05
C SER E 31 -5.62 3.68 -13.70
N PRO E 32 -6.23 4.19 -12.62
N PRO E 32 -6.26 4.17 -12.63
CA PRO E 32 -5.91 3.58 -11.33
CA PRO E 32 -6.02 3.65 -11.29
C PRO E 32 -6.25 2.08 -11.26
C PRO E 32 -6.42 2.16 -11.16
N ALA E 33 -7.14 1.62 -12.13
CA ALA E 33 -7.49 0.20 -12.10
C ALA E 33 -6.21 -0.57 -12.40
N GLU E 34 -5.39 -0.06 -13.30
CA GLU E 34 -4.13 -0.73 -13.63
C GLU E 34 -3.15 -0.71 -12.46
N THR E 35 -3.01 0.43 -11.81
N THR E 35 -3.03 0.45 -11.81
CA THR E 35 -2.08 0.49 -10.69
CA THR E 35 -2.13 0.58 -10.66
C THR E 35 -2.60 -0.38 -9.52
C THR E 35 -2.60 -0.35 -9.53
N ALA E 36 -3.90 -0.30 -9.23
CA ALA E 36 -4.46 -1.12 -8.15
C ALA E 36 -4.26 -2.60 -8.45
N PHE E 37 -4.31 -2.96 -9.73
CA PHE E 37 -4.11 -4.36 -10.16
C PHE E 37 -2.67 -4.77 -9.84
N CYS E 38 -1.70 -3.93 -10.22
CA CYS E 38 -0.30 -4.32 -9.98
C CYS E 38 -0.01 -4.38 -8.46
N ASN E 39 -0.42 -3.35 -7.72
CA ASN E 39 -0.19 -3.37 -6.28
C ASN E 39 -0.88 -4.55 -5.62
N GLY E 40 -2.09 -4.84 -6.09
CA GLY E 40 -2.85 -5.92 -5.48
C GLY E 40 -2.27 -7.29 -5.69
N LEU E 41 -1.61 -7.51 -6.84
CA LEU E 41 -1.02 -8.81 -7.09
C LEU E 41 0.21 -8.95 -6.17
N VAL E 42 0.92 -7.84 -5.98
CA VAL E 42 2.14 -7.84 -5.18
C VAL E 42 1.94 -7.94 -3.65
N ASN E 43 0.94 -7.25 -3.12
CA ASN E 43 0.72 -7.15 -1.69
C ASN E 43 -0.29 -8.16 -1.12
N ASN E 44 0.19 -9.22 -0.47
CA ASN E 44 -0.71 -10.22 0.17
C ASN E 44 -0.30 -10.33 1.64
N LYS E 45 -1.23 -10.82 2.47
CA LYS E 45 -1.00 -10.97 3.90
C LYS E 45 -1.66 -12.27 4.32
C LYS E 45 -1.60 -12.37 4.39
N HIS E 46 -1.26 -12.76 5.49
N HIS E 46 -1.42 -12.64 5.69
CA HIS E 46 -1.83 -14.00 5.99
CA HIS E 46 -1.98 -13.82 6.35
C HIS E 46 -3.35 -13.82 5.96
C HIS E 46 -3.48 -13.83 6.12
N GLY E 47 -4.03 -14.82 5.42
CA GLY E 47 -5.47 -14.84 5.25
C GLY E 47 -6.06 -14.04 4.08
N PHE E 48 -5.25 -13.23 3.42
CA PHE E 48 -5.74 -12.36 2.34
C PHE E 48 -4.87 -12.47 1.13
N THR E 49 -5.37 -13.19 0.14
CA THR E 49 -4.58 -13.47 -1.05
C THR E 49 -5.14 -12.78 -2.31
N SER E 50 -4.40 -12.87 -3.41
CA SER E 50 -4.93 -12.33 -4.65
C SER E 50 -4.28 -13.19 -5.72
N LEU E 51 -4.97 -13.34 -6.84
CA LEU E 51 -4.42 -14.13 -7.94
C LEU E 51 -4.93 -13.71 -9.30
N LEU E 52 -4.23 -14.12 -10.34
CA LEU E 52 -4.65 -13.81 -11.71
C LEU E 52 -5.66 -14.92 -12.05
N ALA E 53 -6.92 -14.54 -12.20
CA ALA E 53 -7.97 -15.55 -12.42
C ALA E 53 -7.83 -16.33 -13.70
N VAL E 54 -8.01 -17.65 -13.64
CA VAL E 54 -7.91 -18.48 -14.84
C VAL E 54 -9.16 -19.34 -15.05
N ILE E 55 -9.45 -19.62 -16.30
CA ILE E 55 -10.58 -20.44 -16.69
C ILE E 55 -10.19 -21.88 -16.50
N ALA E 56 -8.91 -22.14 -16.73
CA ALA E 56 -8.36 -23.49 -16.62
C ALA E 56 -6.85 -23.33 -16.48
N PRO E 57 -6.15 -24.40 -16.09
CA PRO E 57 -4.69 -24.30 -15.95
C PRO E 57 -4.09 -23.68 -17.22
N ASN E 58 -3.23 -22.69 -17.07
CA ASN E 58 -2.59 -22.06 -18.21
C ASN E 58 -3.53 -21.36 -19.17
N LEU E 59 -4.72 -20.98 -18.70
CA LEU E 59 -5.69 -20.27 -19.56
C LEU E 59 -6.35 -19.16 -18.74
N PRO E 60 -5.63 -18.04 -18.56
CA PRO E 60 -6.19 -16.92 -17.79
C PRO E 60 -7.36 -16.29 -18.55
N CYS E 61 -8.33 -15.72 -17.82
CA CYS E 61 -9.40 -15.03 -18.53
C CYS E 61 -8.81 -13.68 -19.01
N LYS E 62 -9.42 -13.10 -20.03
CA LYS E 62 -8.98 -11.80 -20.59
C LYS E 62 -10.27 -11.04 -20.79
N PRO E 63 -10.32 -9.78 -20.35
CA PRO E 63 -9.24 -9.03 -19.70
C PRO E 63 -8.62 -9.57 -18.39
N ASN E 64 -7.33 -9.29 -18.24
CA ASN E 64 -6.54 -9.64 -17.05
C ASN E 64 -7.40 -9.35 -15.82
N THR E 65 -7.50 -10.33 -14.95
CA THR E 65 -8.35 -10.21 -13.78
C THR E 65 -7.65 -10.60 -12.47
N LEU E 66 -7.72 -9.70 -11.48
CA LEU E 66 -7.12 -9.96 -10.18
C LEU E 66 -8.30 -10.23 -9.28
N MET E 67 -8.32 -11.43 -8.73
CA MET E 67 -9.37 -11.89 -7.82
C MET E 67 -8.73 -11.90 -6.41
N PHE E 68 -9.43 -11.37 -5.42
CA PHE E 68 -8.88 -11.31 -4.06
C PHE E 68 -10.04 -11.50 -3.11
N ASN E 69 -9.76 -12.03 -1.93
CA ASN E 69 -10.85 -12.31 -1.00
C ASN E 69 -11.06 -11.24 0.01
N LYS E 70 -12.31 -11.08 0.41
CA LYS E 70 -12.64 -10.13 1.43
C LYS E 70 -13.00 -10.74 2.79
N VAL E 71 -13.10 -12.07 2.84
CA VAL E 71 -13.36 -12.76 4.11
C VAL E 71 -12.06 -13.53 4.37
N THR E 72 -11.47 -13.38 5.56
CA THR E 72 -10.23 -14.06 5.91
C THR E 72 -10.27 -15.52 5.55
N ILE E 73 -9.19 -16.02 4.98
CA ILE E 73 -9.11 -17.42 4.64
C ILE E 73 -8.27 -18.01 5.78
N ASN E 74 -8.94 -18.68 6.70
CA ASN E 74 -8.26 -19.26 7.84
C ASN E 74 -7.85 -20.72 7.70
N ASP E 75 -8.55 -21.49 6.87
CA ASP E 75 -8.16 -22.88 6.71
C ASP E 75 -8.16 -23.37 5.27
N ALA E 76 -7.54 -24.52 5.05
CA ALA E 76 -7.42 -25.12 3.73
C ALA E 76 -8.73 -25.22 2.94
N ARG E 77 -9.82 -25.58 3.61
CA ARG E 77 -11.11 -25.72 2.97
C ARG E 77 -11.56 -24.42 2.25
N GLN E 78 -11.39 -23.30 2.93
CA GLN E 78 -11.78 -22.00 2.38
C GLN E 78 -10.89 -21.70 1.21
N ALA E 79 -9.62 -22.07 1.32
CA ALA E 79 -8.65 -21.84 0.28
C ALA E 79 -9.01 -22.66 -0.99
N VAL E 80 -9.38 -23.92 -0.80
CA VAL E 80 -9.78 -24.74 -1.94
C VAL E 80 -11.04 -24.10 -2.60
N GLN E 81 -11.95 -23.54 -1.81
CA GLN E 81 -13.15 -22.91 -2.37
C GLN E 81 -12.76 -21.68 -3.17
N MET E 82 -11.87 -20.86 -2.62
CA MET E 82 -11.42 -19.66 -3.29
C MET E 82 -10.80 -19.98 -4.66
N PHE E 83 -9.88 -20.93 -4.66
CA PHE E 83 -9.15 -21.27 -5.85
C PHE E 83 -9.89 -22.18 -6.79
N GLY E 84 -10.94 -22.81 -6.29
CA GLY E 84 -11.64 -23.80 -7.14
C GLY E 84 -12.90 -23.23 -7.73
N PRO E 85 -14.04 -23.47 -7.06
CA PRO E 85 -15.33 -22.97 -7.53
C PRO E 85 -15.44 -21.46 -7.64
N ALA E 86 -14.94 -20.71 -6.65
CA ALA E 86 -15.08 -19.25 -6.77
C ALA E 86 -14.27 -18.72 -7.94
N GLN E 87 -13.00 -19.11 -8.04
CA GLN E 87 -12.17 -18.62 -9.16
C GLN E 87 -12.80 -19.05 -10.51
N HIS E 88 -13.28 -20.29 -10.61
CA HIS E 88 -13.84 -20.71 -11.88
C HIS E 88 -15.04 -19.86 -12.25
N GLY E 89 -15.91 -19.58 -11.27
CA GLY E 89 -17.07 -18.75 -11.56
C GLY E 89 -16.70 -17.33 -11.97
N VAL E 90 -15.75 -16.74 -11.26
CA VAL E 90 -15.29 -15.38 -11.59
C VAL E 90 -14.70 -15.32 -12.98
N ALA E 91 -13.79 -16.24 -13.26
CA ALA E 91 -13.10 -16.24 -14.56
C ALA E 91 -14.09 -16.49 -15.73
N MET E 92 -15.05 -17.39 -15.53
N MET E 92 -15.04 -17.40 -15.57
CA MET E 92 -16.06 -17.69 -16.55
CA MET E 92 -16.00 -17.63 -16.66
C MET E 92 -16.90 -16.43 -16.81
C MET E 92 -16.91 -16.39 -16.84
N ALA E 93 -17.20 -15.68 -15.75
CA ALA E 93 -18.01 -14.48 -15.85
C ALA E 93 -17.31 -13.43 -16.69
N VAL E 94 -16.01 -13.29 -16.48
CA VAL E 94 -15.25 -12.33 -17.26
C VAL E 94 -15.22 -12.75 -18.74
N GLN E 95 -14.91 -14.01 -19.02
CA GLN E 95 -14.84 -14.43 -20.42
C GLN E 95 -16.23 -14.38 -21.06
N ASP E 96 -17.26 -14.80 -20.33
CA ASP E 96 -18.61 -14.72 -20.88
C ASP E 96 -19.02 -13.25 -21.12
N ALA E 97 -18.58 -12.32 -20.25
CA ALA E 97 -18.95 -10.92 -20.49
C ALA E 97 -18.35 -10.43 -21.83
N VAL E 98 -17.15 -10.90 -22.17
CA VAL E 98 -16.56 -10.51 -23.46
C VAL E 98 -17.43 -11.16 -24.55
N ALA E 99 -17.70 -12.47 -24.43
CA ALA E 99 -18.49 -13.17 -25.43
C ALA E 99 -19.88 -12.57 -25.67
N GLU E 100 -20.54 -12.10 -24.62
CA GLU E 100 -21.87 -11.54 -24.71
C GLU E 100 -21.92 -10.05 -25.07
N GLY E 101 -20.77 -9.46 -25.36
CA GLY E 101 -20.77 -8.06 -25.73
C GLY E 101 -20.90 -7.08 -24.57
N ILE E 102 -20.71 -7.55 -23.34
CA ILE E 102 -20.76 -6.67 -22.18
C ILE E 102 -19.40 -5.93 -22.16
N ILE E 103 -18.33 -6.67 -22.39
CA ILE E 103 -17.01 -6.02 -22.47
C ILE E 103 -16.65 -6.18 -23.95
N PRO E 104 -16.46 -5.07 -24.67
CA PRO E 104 -16.10 -5.19 -26.09
C PRO E 104 -14.83 -5.98 -26.35
N ALA E 105 -14.92 -6.98 -27.22
CA ALA E 105 -13.74 -7.82 -27.49
C ALA E 105 -12.53 -7.02 -27.94
N ASP E 106 -12.72 -5.91 -28.62
CA ASP E 106 -11.55 -5.16 -29.06
C ASP E 106 -10.88 -4.35 -27.94
N GLU E 107 -11.44 -4.36 -26.74
CA GLU E 107 -10.85 -3.64 -25.62
C GLU E 107 -10.32 -4.63 -24.58
N ALA E 108 -10.64 -5.92 -24.75
CA ALA E 108 -10.29 -6.94 -23.78
C ALA E 108 -8.84 -7.05 -23.41
N ASP E 109 -7.96 -6.88 -24.38
CA ASP E 109 -6.54 -7.01 -24.11
C ASP E 109 -5.96 -5.76 -23.43
N ASP E 110 -6.77 -4.75 -23.25
CA ASP E 110 -6.28 -3.53 -22.62
C ASP E 110 -7.03 -3.08 -21.36
N LEU E 111 -7.73 -4.00 -20.71
CA LEU E 111 -8.45 -3.63 -19.50
C LEU E 111 -7.97 -4.46 -18.32
N TYR E 112 -8.33 -4.03 -17.12
CA TYR E 112 -7.99 -4.75 -15.93
C TYR E 112 -9.25 -4.84 -15.12
N VAL E 113 -9.49 -6.00 -14.51
CA VAL E 113 -10.66 -6.19 -13.70
C VAL E 113 -10.18 -6.60 -12.31
N LEU E 114 -10.75 -5.98 -11.28
CA LEU E 114 -10.39 -6.32 -9.91
C LEU E 114 -11.69 -6.89 -9.30
N VAL E 115 -11.63 -8.11 -8.78
CA VAL E 115 -12.83 -8.75 -8.24
C VAL E 115 -12.65 -9.20 -6.81
N GLY E 116 -13.38 -8.54 -5.89
CA GLY E 116 -13.35 -8.91 -4.48
C GLY E 116 -14.49 -9.90 -4.17
N VAL E 117 -14.16 -11.14 -3.77
CA VAL E 117 -15.16 -12.17 -3.46
C VAL E 117 -15.31 -12.31 -1.95
N PHE E 118 -16.54 -12.53 -1.52
N PHE E 118 -16.54 -12.52 -1.48
CA PHE E 118 -16.91 -12.69 -0.13
CA PHE E 118 -16.89 -12.62 -0.05
C PHE E 118 -17.46 -14.08 0.04
C PHE E 118 -17.47 -14.01 0.25
N ILE E 119 -16.63 -15.01 0.48
CA ILE E 119 -17.12 -16.35 0.71
C ILE E 119 -17.29 -16.61 2.21
N HIS E 120 -18.53 -16.78 2.66
CA HIS E 120 -18.78 -17.01 4.07
C HIS E 120 -18.12 -18.28 4.53
N TRP E 121 -17.67 -18.22 5.78
CA TRP E 121 -17.02 -19.34 6.45
C TRP E 121 -17.94 -20.58 6.37
N GLU E 122 -19.25 -20.39 6.51
CA GLU E 122 -20.21 -21.51 6.42
C GLU E 122 -20.44 -22.06 5.00
N ALA E 123 -20.01 -21.33 3.96
CA ALA E 123 -20.23 -21.81 2.59
C ALA E 123 -19.78 -23.25 2.46
N ALA E 124 -20.59 -24.09 1.82
CA ALA E 124 -20.18 -25.49 1.69
C ALA E 124 -20.49 -26.19 0.39
N ASP E 125 -21.49 -25.69 -0.32
CA ASP E 125 -21.88 -26.32 -1.59
C ASP E 125 -21.06 -25.70 -2.73
N ASP E 126 -20.11 -26.46 -3.26
CA ASP E 126 -19.25 -25.98 -4.34
C ASP E 126 -20.00 -25.51 -5.58
N ALA E 127 -21.01 -26.28 -6.01
CA ALA E 127 -21.78 -25.91 -7.19
C ALA E 127 -22.41 -24.54 -6.98
N LYS E 128 -22.98 -24.27 -5.81
CA LYS E 128 -23.59 -22.97 -5.58
C LYS E 128 -22.56 -21.83 -5.50
N ILE E 129 -21.41 -22.09 -4.85
CA ILE E 129 -20.37 -21.07 -4.72
C ILE E 129 -19.99 -20.64 -6.15
N GLN E 130 -19.76 -21.63 -6.99
CA GLN E 130 -19.37 -21.33 -8.36
C GLN E 130 -20.45 -20.58 -9.13
N LYS E 131 -21.67 -21.09 -9.05
CA LYS E 131 -22.78 -20.46 -9.78
C LYS E 131 -23.08 -19.04 -9.33
N TYR E 132 -23.15 -18.84 -8.02
CA TYR E 132 -23.48 -17.51 -7.56
C TYR E 132 -22.37 -16.49 -7.79
N ASN E 133 -21.11 -16.93 -7.68
CA ASN E 133 -20.04 -15.97 -7.90
C ASN E 133 -19.99 -15.66 -9.38
N TYR E 134 -20.29 -16.65 -10.21
CA TYR E 134 -20.36 -16.39 -11.66
C TYR E 134 -21.42 -15.34 -11.92
N GLU E 135 -22.63 -15.54 -11.37
CA GLU E 135 -23.71 -14.62 -11.63
C GLU E 135 -23.46 -13.25 -11.05
N ALA E 136 -22.99 -13.16 -9.79
CA ALA E 136 -22.74 -11.84 -9.22
C ALA E 136 -21.57 -11.13 -9.93
N THR E 137 -20.56 -11.87 -10.39
CA THR E 137 -19.45 -11.20 -11.07
C THR E 137 -19.94 -10.63 -12.42
N LYS E 138 -20.66 -11.45 -13.17
CA LYS E 138 -21.10 -10.98 -14.49
C LYS E 138 -22.04 -9.78 -14.34
N LEU E 139 -22.94 -9.83 -13.36
CA LEU E 139 -23.84 -8.71 -13.16
C LEU E 139 -23.03 -7.46 -12.70
N SER E 140 -22.00 -7.69 -11.88
CA SER E 140 -21.18 -6.53 -11.42
C SER E 140 -20.45 -5.89 -12.60
N ILE E 141 -19.96 -6.71 -13.53
CA ILE E 141 -19.27 -6.17 -14.70
C ILE E 141 -20.27 -5.38 -15.56
N GLN E 142 -21.43 -5.98 -15.80
N GLN E 142 -21.42 -5.98 -15.80
CA GLN E 142 -22.47 -5.34 -16.60
CA GLN E 142 -22.45 -5.35 -16.63
C GLN E 142 -22.77 -3.97 -16.02
C GLN E 142 -22.82 -3.99 -16.03
N ARG E 143 -22.98 -3.92 -14.71
CA ARG E 143 -23.29 -2.64 -14.07
C ARG E 143 -22.14 -1.62 -14.14
N ALA E 144 -20.93 -2.06 -13.85
CA ALA E 144 -19.76 -1.19 -13.85
C ALA E 144 -19.52 -0.60 -15.23
N VAL E 145 -19.54 -1.44 -16.25
CA VAL E 145 -19.27 -0.98 -17.60
C VAL E 145 -20.29 0.11 -18.02
N ASN E 146 -21.51 0.04 -17.52
CA ASN E 146 -22.51 1.03 -17.84
C ASN E 146 -22.71 2.11 -16.76
N GLY E 147 -21.84 2.13 -15.75
CA GLY E 147 -21.97 3.17 -14.72
C GLY E 147 -23.24 3.02 -13.90
N GLU E 148 -23.75 1.81 -13.77
CA GLU E 148 -24.98 1.59 -13.03
C GLU E 148 -24.67 1.16 -11.60
N PRO E 149 -25.50 1.60 -10.65
CA PRO E 149 -26.67 2.46 -10.91
C PRO E 149 -26.25 3.93 -10.96
N LYS E 150 -26.99 4.71 -11.71
CA LYS E 150 -26.75 6.13 -11.85
C LYS E 150 -27.17 6.82 -10.58
N ALA E 151 -26.45 7.87 -10.21
CA ALA E 151 -26.80 8.57 -8.98
C ALA E 151 -28.28 8.98 -8.91
N SER E 152 -28.84 9.56 -9.97
CA SER E 152 -30.28 9.97 -9.95
C SER E 152 -31.21 8.77 -9.70
N VAL E 153 -30.82 7.62 -10.22
CA VAL E 153 -31.60 6.42 -10.02
C VAL E 153 -31.56 6.04 -8.56
N VAL E 154 -30.37 6.05 -7.95
CA VAL E 154 -30.29 5.69 -6.53
C VAL E 154 -31.02 6.73 -5.71
N THR E 155 -30.79 7.99 -6.02
CA THR E 155 -31.43 9.07 -5.28
C THR E 155 -32.94 8.88 -5.32
N GLU E 156 -33.46 8.62 -6.52
CA GLU E 156 -34.90 8.41 -6.70
C GLU E 156 -35.35 7.18 -5.91
N GLN E 157 -34.76 6.02 -6.21
CA GLN E 157 -35.11 4.76 -5.53
C GLN E 157 -34.83 4.80 -4.04
N ARG E 158 -34.04 5.77 -3.58
CA ARG E 158 -33.70 5.85 -2.17
C ARG E 158 -34.97 5.85 -1.38
#